data_7T6S
#
_entry.id   7T6S
#
_cell.length_a   1.00
_cell.length_b   1.00
_cell.length_c   1.00
_cell.angle_alpha   90.00
_cell.angle_beta   90.00
_cell.angle_gamma   90.00
#
_symmetry.space_group_name_H-M   'P 1'
#
loop_
_entity.id
_entity.type
_entity.pdbx_description
1 polymer 'Guanine nucleotide-binding protein G(i) subunit alpha-1'
2 polymer 'Guanine nucleotide-binding protein G(I)/G(S)/G(T) subunit beta-1'
3 polymer 'Guanine nucleotide-binding protein G(I)/G(S)/G(O) subunit gamma-2'
4 polymer scFv16
5 polymer 'N-formyl peptide receptor 2'
6 non-polymer "N-(4-chlorophenyl)-N'-[1-methyl-3-oxo-2-phenyl-5-(propan-2-yl)-2,3-dihydro-1H-pyrazol-4-yl]urea"
#
loop_
_entity_poly.entity_id
_entity_poly.type
_entity_poly.pdbx_seq_one_letter_code
_entity_poly.pdbx_strand_id
1 'polypeptide(L)'
;GCTLSAEDKAAVERSKMIDRNLREDGEKAAREVKLLLLGAGESGKSTIVKQMKIIHEAGYSEEECKQYKAVVYSNTIQSI
IAIIRAMGRLKIDFGDSARADDARQLFVLAGAAEEGFMTAELAGVIKRLWKDSGVQACFNRSREYQLNDSAAYYLNDLDR
IAQPNYIPTQQDVLRTRVKTTGIVETHFTFKDLHFKMFDVGAQRSERKKWIHCFEGVTAIIFCVALSDYDLVLAEDEEMN
RMHESMKLFDSICNNKWFTDTSIILFLNKKDLFEEKIKKSPLTICYPEYAGSNTYEEAAAYIQCQFEDLNKRKDTKEIYT
HFTCSTDTKNVQFVFDAVTDVIIKNNLKDCGLF
;
A
2 'polypeptide(L)'
;HHHHHHHHMGSLLQSELDQLRQEAEQLKNQIRDARKACADATLSQITNNIDPVGRIQMRTRRTLRGHLAKIYAMHWGTDS
RLLVSASQDGKLIIWDSYTTNKVHAIPLRSSWVMTCAYAPSGNYVACGGLDNICSIYNLKTREGNVRVSRELAGHTGYLS
CCRFLDDNQIVTSSGDTTCALWDIETGQQTTTFTGHTGDVMSLSLAPDTRLFVSGACDASAKLWDVREGMCRQTFTGHES
DINAICFFPNGNAFATGSDDATCRLFDLRADQELMTYSHDNIICGITSVSFSKSGRLLLAGYDDFNCNVWDALKADRAGV
LAGHDNRVSCLGVTDDGMAVATGSWDSFLKIWN
;
B
3 'polypeptide(L)' ASNNTASIAQARKLVEQLKMEANIDRIKVSKAAADLMAYCEAHAKEDPLLTPVPASENPFREKKFFC C
4 'polypeptide(L)'
;VQLVESGGGLVQPGGSRKLSCSASGFAFSSFGMHWVRQAPEKGLEWVAYISSGSGTIYYADTVKGRFTISRDDPKNTLFL
QMTSLRSEDTAMYYCVRSIYYYGSSPFDFWGQGTTLTVSAGGGGSGGGGSGGGGSSDIVMTQATSSVPVTPGESVSISCR
SSKSLLHSNGNTYLYWFLQRPGQSPQLLIYRMSNLASGVPERFSGSGSGTAFTLTISRLEAEDVGVYYCMQHLEYPLTFG
AGTKLEL
;
E
5 'polypeptide(L)'
;DYKDDDDVDMGQPGNGSAFLLAPNGSHAPDHDVTQQRDEENLYFQGASMETNFSTPLNEYEEVSYESAGYTVLRILPLVV
LGVTFVLGVLGNGLVIWVAGFRMTRTVTTICYLNLALADFSFTATLPFLIVSMAMGEKWPFGWFLCKLIHIVVDINLFGS
VFLIGFIALDRCICVLHPVWAQNHRTVSLAMKVIVGPWILALVLTLPVFLFLTTVTIPNGDTYCTFNFASWGGTPEERLK
VAITMLTARGIIRFVIGFSLPMSIVAICYGLIAAKIHKKGMIKSSRPLRVLTAVVASFFICWFPFQLVALLGTVWLKEML
FYGKYKIIDILVNPTSSLAFFNSCLNPMLYVFVGQDFRERLIHSLPTSLERALSEDSAPTNDTAANSASP
;
R
#
loop_
_chem_comp.id
_chem_comp.type
_chem_comp.name
_chem_comp.formula
FUI non-polymer N-(4-chlorophenyl)-N'-[1-methyl-3-oxo-2-phenyl-5-(propan-2-yl)-2,3-dihydro-1H-pyrazol-4-yl]urea 'C20 H21 Cl N4 O2'
#
# COMPACT_ATOMS: atom_id res chain seq x y z
N LEU A 4 -7.49 5.85 -24.99
CA LEU A 4 -7.93 4.57 -25.62
C LEU A 4 -7.66 3.36 -24.72
N SER A 5 -8.51 2.33 -24.82
CA SER A 5 -8.25 1.08 -24.09
C SER A 5 -9.03 -0.05 -24.78
N ALA A 6 -8.38 -1.11 -25.26
CA ALA A 6 -9.15 -2.15 -25.96
C ALA A 6 -9.53 -3.28 -25.00
N GLU A 7 -8.53 -3.98 -24.47
CA GLU A 7 -8.71 -4.96 -23.36
C GLU A 7 -7.84 -4.53 -22.20
N ASP A 8 -7.13 -3.40 -22.33
CA ASP A 8 -6.48 -2.76 -21.19
C ASP A 8 -7.59 -2.20 -20.31
N LYS A 9 -8.78 -2.04 -20.86
CA LYS A 9 -9.94 -1.62 -20.06
C LYS A 9 -10.36 -2.72 -19.09
N ALA A 10 -10.11 -3.98 -19.43
CA ALA A 10 -10.41 -5.10 -18.52
C ALA A 10 -9.25 -5.41 -17.58
N ALA A 11 -8.03 -5.04 -17.92
CA ALA A 11 -6.91 -5.14 -16.99
C ALA A 11 -7.12 -4.13 -15.88
N VAL A 12 -7.60 -2.95 -16.19
CA VAL A 12 -7.89 -1.92 -15.18
C VAL A 12 -9.00 -2.41 -14.26
N GLU A 13 -10.00 -3.09 -14.80
CA GLU A 13 -11.08 -3.64 -13.96
C GLU A 13 -10.50 -4.68 -13.00
N ARG A 14 -9.59 -5.52 -13.48
CA ARG A 14 -8.88 -6.45 -12.58
C ARG A 14 -8.02 -5.68 -11.59
N SER A 15 -7.32 -4.65 -12.03
CA SER A 15 -6.47 -3.82 -11.15
C SER A 15 -7.30 -3.11 -10.10
N LYS A 16 -8.58 -2.87 -10.36
CA LYS A 16 -9.49 -2.23 -9.38
C LYS A 16 -10.23 -3.28 -8.57
N MET A 17 -10.29 -4.51 -9.03
CA MET A 17 -10.95 -5.61 -8.27
C MET A 17 -9.98 -6.18 -7.25
N ILE A 18 -8.69 -6.16 -7.55
CA ILE A 18 -7.64 -6.64 -6.61
C ILE A 18 -7.08 -5.47 -5.88
N ASP A 19 -7.66 -4.29 -6.02
CA ASP A 19 -7.35 -3.13 -5.16
C ASP A 19 -8.45 -3.01 -4.11
N ARG A 20 -9.63 -3.53 -4.36
CA ARG A 20 -10.72 -3.60 -3.37
C ARG A 20 -10.43 -4.69 -2.35
N ASN A 21 -9.86 -5.80 -2.78
CA ASN A 21 -9.47 -6.89 -1.85
C ASN A 21 -8.31 -6.44 -0.96
N LEU A 22 -7.40 -5.62 -1.48
CA LEU A 22 -6.33 -5.07 -0.64
C LEU A 22 -6.91 -4.18 0.44
N ARG A 23 -7.92 -3.38 0.14
CA ARG A 23 -8.59 -2.57 1.17
C ARG A 23 -9.30 -3.47 2.18
N GLU A 24 -9.99 -4.49 1.72
CA GLU A 24 -10.77 -5.36 2.61
C GLU A 24 -9.85 -6.23 3.45
N ASP A 25 -8.67 -6.55 2.97
CA ASP A 25 -7.66 -7.28 3.78
C ASP A 25 -6.95 -6.34 4.73
N GLY A 26 -6.74 -5.10 4.36
CA GLY A 26 -6.16 -4.08 5.26
C GLY A 26 -7.11 -3.68 6.36
N GLU A 27 -8.40 -3.64 6.09
CA GLU A 27 -9.41 -3.40 7.14
C GLU A 27 -9.46 -4.60 8.08
N LYS A 28 -9.36 -5.81 7.57
CA LYS A 28 -9.37 -7.03 8.41
C LYS A 28 -8.08 -7.20 9.21
N ALA A 29 -6.96 -6.73 8.70
CA ALA A 29 -5.66 -6.84 9.38
C ALA A 29 -5.43 -5.71 10.37
N ALA A 30 -6.12 -4.59 10.24
CA ALA A 30 -5.91 -3.43 11.12
C ALA A 30 -6.90 -3.49 12.27
N ARG A 31 -7.70 -4.55 12.34
CA ARG A 31 -8.66 -4.73 13.45
C ARG A 31 -8.14 -5.76 14.44
N GLU A 32 -6.88 -6.17 14.29
CA GLU A 32 -6.28 -7.17 15.18
C GLU A 32 -5.12 -6.52 15.92
N VAL A 33 -5.06 -6.72 17.22
CA VAL A 33 -3.97 -6.16 18.03
C VAL A 33 -2.70 -6.97 17.77
N LYS A 34 -1.61 -6.30 17.45
CA LYS A 34 -0.34 -6.95 17.17
C LYS A 34 0.52 -6.82 18.41
N LEU A 35 0.94 -7.97 18.95
CA LEU A 35 1.79 -8.00 20.14
C LEU A 35 3.11 -8.65 19.81
N LEU A 36 4.20 -8.05 20.26
CA LEU A 36 5.53 -8.64 20.06
C LEU A 36 5.92 -9.29 21.37
N LEU A 37 6.17 -10.59 21.36
CA LEU A 37 6.55 -11.32 22.59
C LEU A 37 8.05 -11.47 22.62
N LEU A 38 8.65 -10.98 23.68
CA LEU A 38 10.12 -11.01 23.84
C LEU A 38 10.48 -11.69 25.15
N GLY A 39 11.76 -11.75 25.42
CA GLY A 39 12.24 -12.41 26.64
C GLY A 39 13.55 -13.11 26.41
N ALA A 40 14.55 -12.84 27.25
CA ALA A 40 15.90 -13.39 27.02
C ALA A 40 16.03 -14.78 27.63
N GLY A 41 16.58 -15.72 26.85
CA GLY A 41 16.83 -17.07 27.36
C GLY A 41 15.58 -17.77 27.86
N GLU A 42 15.73 -18.54 28.94
CA GLU A 42 14.59 -19.34 29.44
C GLU A 42 13.72 -18.43 30.27
N SER A 43 12.45 -18.31 29.87
CA SER A 43 11.50 -17.44 30.60
C SER A 43 10.14 -18.08 30.48
N GLY A 44 9.11 -17.35 30.85
CA GLY A 44 7.76 -17.93 30.83
C GLY A 44 7.02 -17.63 29.54
N LYS A 45 7.73 -17.18 28.51
CA LYS A 45 7.04 -16.80 27.25
C LYS A 45 6.36 -18.02 26.66
N SER A 46 7.04 -19.16 26.66
CA SER A 46 6.41 -20.41 26.17
C SER A 46 5.24 -20.77 27.09
N THR A 47 5.42 -20.54 28.38
CA THR A 47 4.32 -20.85 29.34
C THR A 47 3.12 -19.93 29.13
N ILE A 48 3.36 -18.64 29.00
CA ILE A 48 2.22 -17.68 28.86
C ILE A 48 1.52 -17.91 27.53
N VAL A 49 2.25 -18.27 26.49
CA VAL A 49 1.64 -18.49 25.17
C VAL A 49 0.59 -19.58 25.34
N LYS A 50 0.85 -20.57 26.20
CA LYS A 50 -0.23 -21.56 26.50
C LYS A 50 -1.42 -20.86 27.15
N GLN A 51 -1.19 -19.94 28.08
CA GLN A 51 -2.30 -19.29 28.81
C GLN A 51 -3.21 -18.54 27.85
N MET A 52 -2.64 -17.81 26.91
CA MET A 52 -3.49 -17.17 25.87
C MET A 52 -4.02 -18.27 24.96
N LYS A 53 -5.35 -18.37 24.85
CA LYS A 53 -5.94 -19.52 24.13
C LYS A 53 -5.75 -19.36 22.63
N ILE A 54 -4.77 -20.06 22.08
CA ILE A 54 -4.44 -19.87 20.64
C ILE A 54 -5.52 -20.61 19.83
N THR A 181 10.77 -23.11 12.08
CA THR A 181 11.47 -22.00 12.79
C THR A 181 11.11 -20.65 12.18
N GLY A 182 11.51 -19.57 12.84
CA GLY A 182 11.13 -18.24 12.39
C GLY A 182 10.21 -17.57 13.37
N ILE A 183 9.24 -16.82 12.86
CA ILE A 183 8.26 -16.15 13.75
C ILE A 183 7.17 -17.15 14.04
N VAL A 184 6.85 -17.31 15.32
CA VAL A 184 5.71 -18.16 15.72
C VAL A 184 4.54 -17.22 15.96
N GLU A 185 3.74 -17.01 14.95
CA GLU A 185 2.57 -16.14 15.07
C GLU A 185 1.47 -16.88 15.80
N THR A 186 0.87 -16.23 16.79
CA THR A 186 -0.18 -16.84 17.61
C THR A 186 -1.41 -15.97 17.53
N HIS A 187 -2.57 -16.56 17.29
CA HIS A 187 -3.84 -15.81 17.24
C HIS A 187 -4.70 -16.20 18.42
N PHE A 188 -5.22 -15.21 19.11
CA PHE A 188 -6.22 -15.47 20.15
C PHE A 188 -7.21 -14.32 20.22
N THR A 189 -8.45 -14.63 20.53
CA THR A 189 -9.50 -13.61 20.67
C THR A 189 -9.96 -13.57 22.11
N PHE A 190 -10.09 -12.37 22.67
CA PHE A 190 -10.58 -12.21 24.04
C PHE A 190 -11.48 -10.98 24.10
N LYS A 191 -12.71 -11.15 24.55
CA LYS A 191 -13.67 -10.03 24.69
C LYS A 191 -13.84 -9.31 23.37
N ASP A 192 -14.00 -10.07 22.29
CA ASP A 192 -14.30 -9.50 20.95
C ASP A 192 -13.09 -8.81 20.36
N LEU A 193 -11.93 -8.88 21.02
CA LEU A 193 -10.73 -8.18 20.54
C LEU A 193 -9.76 -9.23 20.02
N HIS A 194 -9.48 -9.17 18.72
CA HIS A 194 -8.54 -10.13 18.11
C HIS A 194 -7.11 -9.73 18.36
N PHE A 195 -6.31 -10.70 18.76
CA PHE A 195 -4.87 -10.45 19.04
C PHE A 195 -4.01 -11.25 18.08
N LYS A 196 -2.81 -10.76 17.83
CA LYS A 196 -1.84 -11.48 16.98
C LYS A 196 -0.48 -11.37 17.63
N MET A 197 -0.03 -12.45 18.25
CA MET A 197 1.23 -12.44 19.00
C MET A 197 2.35 -13.06 18.18
N PHE A 198 3.50 -12.37 18.13
CA PHE A 198 4.65 -12.83 17.36
C PHE A 198 5.78 -13.16 18.32
N ASP A 199 6.15 -14.43 18.39
CA ASP A 199 7.30 -14.84 19.20
C ASP A 199 8.51 -14.87 18.29
N VAL A 200 9.54 -14.14 18.64
CA VAL A 200 10.78 -14.09 17.83
C VAL A 200 11.90 -14.82 18.56
N GLY A 201 11.57 -15.75 19.44
CA GLY A 201 12.61 -16.43 20.23
C GLY A 201 13.52 -17.26 19.36
N ALA A 202 12.98 -17.94 18.36
CA ALA A 202 13.79 -18.83 17.51
C ALA A 202 14.39 -18.01 16.38
N GLN A 203 15.00 -16.89 16.73
CA GLN A 203 15.61 -15.98 15.73
C GLN A 203 16.93 -15.52 16.33
N ARG A 204 17.99 -16.28 16.07
CA ARG A 204 19.33 -15.85 16.54
C ARG A 204 19.99 -15.09 15.41
N SER A 205 19.98 -13.77 15.53
CA SER A 205 20.54 -12.88 14.50
C SER A 205 20.72 -11.52 15.17
N GLU A 206 21.01 -10.50 14.39
CA GLU A 206 21.12 -9.15 14.96
C GLU A 206 19.71 -8.60 15.02
N ARG A 207 19.25 -8.23 16.21
CA ARG A 207 17.91 -7.66 16.36
C ARG A 207 17.83 -6.37 15.55
N LYS A 208 18.93 -5.64 15.46
CA LYS A 208 18.92 -4.33 14.80
C LYS A 208 18.50 -4.46 13.34
N LYS A 209 18.64 -5.65 12.76
CA LYS A 209 18.33 -5.83 11.33
C LYS A 209 16.88 -6.22 11.07
N TRP A 210 16.16 -6.67 12.08
CA TRP A 210 14.74 -7.06 11.89
C TRP A 210 13.80 -6.53 12.97
N ILE A 211 14.29 -5.83 13.96
CA ILE A 211 13.42 -5.33 15.05
C ILE A 211 12.54 -4.21 14.51
N HIS A 212 12.98 -3.50 13.49
CA HIS A 212 12.17 -2.43 12.89
C HIS A 212 10.95 -2.96 12.15
N CYS A 213 10.89 -4.25 11.89
CA CYS A 213 9.72 -4.86 11.26
C CYS A 213 8.52 -4.77 12.19
N PHE A 214 8.74 -4.66 13.50
CA PHE A 214 7.65 -4.66 14.50
C PHE A 214 7.41 -3.26 15.04
N GLU A 215 7.66 -2.23 14.27
CA GLU A 215 7.53 -0.85 14.73
C GLU A 215 6.09 -0.49 15.09
N GLY A 216 5.12 -1.06 14.43
CA GLY A 216 3.73 -0.64 14.68
C GLY A 216 2.97 -1.62 15.54
N VAL A 217 3.65 -2.43 16.32
CA VAL A 217 2.96 -3.33 17.26
C VAL A 217 2.24 -2.49 18.30
N THR A 218 1.08 -2.95 18.73
CA THR A 218 0.29 -2.21 19.73
C THR A 218 1.05 -2.18 21.04
N ALA A 219 1.60 -3.32 21.45
CA ALA A 219 2.42 -3.38 22.66
C ALA A 219 3.41 -4.52 22.58
N ILE A 220 4.46 -4.43 23.37
CA ILE A 220 5.48 -5.49 23.46
C ILE A 220 5.24 -6.23 24.76
N ILE A 221 5.17 -7.54 24.68
CA ILE A 221 5.03 -8.38 25.90
C ILE A 221 6.42 -8.91 26.20
N PHE A 222 6.95 -8.56 27.35
CA PHE A 222 8.31 -8.95 27.73
C PHE A 222 8.23 -9.89 28.91
N CYS A 223 8.84 -11.04 28.78
CA CYS A 223 8.76 -12.06 29.83
C CYS A 223 10.10 -12.15 30.56
N VAL A 224 10.04 -12.05 31.89
CA VAL A 224 11.25 -12.19 32.73
C VAL A 224 10.95 -13.27 33.77
N ALA A 225 11.88 -14.21 33.93
CA ALA A 225 11.71 -15.27 34.93
C ALA A 225 12.26 -14.75 36.25
N LEU A 226 11.40 -14.63 37.25
CA LEU A 226 11.83 -14.10 38.56
C LEU A 226 12.84 -15.06 39.19
N SER A 227 12.75 -16.35 38.87
CA SER A 227 13.63 -17.37 39.49
C SER A 227 15.02 -17.36 38.87
N ASP A 228 15.31 -16.40 38.01
CA ASP A 228 16.63 -16.32 37.33
C ASP A 228 17.56 -15.32 38.01
N TYR A 229 17.20 -14.79 39.16
CA TYR A 229 18.06 -13.80 39.84
C TYR A 229 19.38 -14.45 40.25
N ASP A 230 19.32 -15.69 40.74
CA ASP A 230 20.55 -16.39 41.18
C ASP A 230 21.13 -17.27 40.08
N LEU A 231 20.35 -17.58 39.05
CA LEU A 231 20.84 -18.51 38.02
C LEU A 231 21.83 -17.84 37.07
N VAL A 232 22.53 -18.65 36.29
CA VAL A 232 23.52 -18.12 35.31
C VAL A 232 23.22 -18.77 33.95
N ASN A 240 22.77 -13.24 37.36
CA ASN A 240 23.50 -13.22 36.07
C ASN A 240 22.49 -13.33 34.93
N ARG A 241 21.67 -14.38 34.95
CA ARG A 241 20.64 -14.55 33.92
C ARG A 241 19.61 -13.44 34.04
N MET A 242 19.38 -12.96 35.24
CA MET A 242 18.42 -11.84 35.46
C MET A 242 18.98 -10.53 34.90
N HIS A 243 20.28 -10.32 34.96
CA HIS A 243 20.90 -9.12 34.37
C HIS A 243 20.82 -9.15 32.85
N GLU A 244 20.91 -10.32 32.26
CA GLU A 244 20.74 -10.43 30.78
C GLU A 244 19.32 -9.98 30.40
N SER A 245 18.32 -10.35 31.21
CA SER A 245 16.96 -9.88 30.96
C SER A 245 16.94 -8.35 31.00
N MET A 246 17.68 -7.75 31.90
CA MET A 246 17.74 -6.28 31.96
C MET A 246 18.43 -5.69 30.73
N LYS A 247 19.47 -6.33 30.23
CA LYS A 247 20.11 -5.83 29.00
C LYS A 247 19.12 -5.89 27.84
N LEU A 248 18.39 -6.99 27.71
CA LEU A 248 17.42 -7.10 26.61
C LEU A 248 16.30 -6.08 26.80
N PHE A 249 15.88 -5.86 28.03
CA PHE A 249 14.80 -4.90 28.28
C PHE A 249 15.27 -3.49 27.94
N ASP A 250 16.45 -3.11 28.37
CA ASP A 250 16.99 -1.77 28.12
C ASP A 250 17.16 -1.57 26.62
N SER A 251 17.59 -2.61 25.91
CA SER A 251 17.86 -2.47 24.46
C SER A 251 16.55 -2.18 23.74
N ILE A 252 15.48 -2.88 24.10
CA ILE A 252 14.19 -2.71 23.39
C ILE A 252 13.40 -1.54 23.95
N CYS A 253 13.42 -1.35 25.25
CA CYS A 253 12.57 -0.31 25.88
C CYS A 253 12.98 1.07 25.37
N ASN A 254 14.27 1.32 25.26
CA ASN A 254 14.78 2.63 24.80
C ASN A 254 15.12 2.59 23.32
N ASN A 255 14.69 1.54 22.63
CA ASN A 255 14.94 1.42 21.17
C ASN A 255 14.19 2.53 20.46
N LYS A 256 14.79 3.05 19.41
CA LYS A 256 14.20 4.18 18.66
C LYS A 256 12.97 3.73 17.88
N TRP A 257 12.79 2.45 17.69
CA TRP A 257 11.60 1.93 16.99
C TRP A 257 10.41 1.84 17.93
N PHE A 258 10.65 1.66 19.21
CA PHE A 258 9.57 1.61 20.20
C PHE A 258 9.79 2.74 21.19
N THR A 259 9.32 3.93 20.84
CA THR A 259 9.38 5.09 21.77
C THR A 259 8.02 5.26 22.44
N ASP A 260 6.95 4.96 21.73
CA ASP A 260 5.59 5.10 22.29
C ASP A 260 5.01 3.72 22.55
N THR A 261 5.68 2.66 22.10
CA THR A 261 5.13 1.31 22.26
C THR A 261 5.20 0.96 23.73
N SER A 262 4.05 0.66 24.31
CA SER A 262 4.02 0.25 25.72
C SER A 262 4.58 -1.14 25.86
N ILE A 263 4.98 -1.48 27.08
CA ILE A 263 5.54 -2.81 27.35
C ILE A 263 4.71 -3.46 28.43
N ILE A 264 4.22 -4.66 28.18
CA ILE A 264 3.54 -5.46 29.21
C ILE A 264 4.60 -6.40 29.76
N LEU A 265 5.11 -6.08 30.94
CA LEU A 265 6.20 -6.87 31.54
C LEU A 265 5.61 -7.99 32.37
N PHE A 266 6.02 -9.21 32.07
CA PHE A 266 5.51 -10.38 32.80
C PHE A 266 6.66 -10.94 33.61
N LEU A 267 6.58 -10.79 34.94
CA LEU A 267 7.62 -11.34 35.83
C LEU A 267 7.17 -12.75 36.15
N ASN A 268 7.56 -13.69 35.31
CA ASN A 268 7.04 -15.07 35.39
C ASN A 268 7.70 -15.89 36.48
N LYS A 269 7.15 -17.08 36.71
CA LYS A 269 7.69 -18.01 37.72
C LYS A 269 7.76 -17.37 39.10
N LYS A 270 6.69 -16.73 39.51
CA LYS A 270 6.65 -16.09 40.84
C LYS A 270 6.52 -17.15 41.94
N ASP A 271 5.99 -18.32 41.62
CA ASP A 271 5.93 -19.42 42.62
C ASP A 271 7.33 -19.96 42.94
N LEU A 272 8.13 -20.17 41.92
CA LEU A 272 9.50 -20.68 42.14
C LEU A 272 10.34 -19.58 42.80
N PHE A 273 10.05 -18.34 42.49
CA PHE A 273 10.82 -17.22 43.07
C PHE A 273 10.63 -17.17 44.58
N GLU A 274 9.40 -17.29 45.05
CA GLU A 274 9.14 -17.23 46.51
C GLU A 274 9.73 -18.45 47.21
N GLU A 275 9.64 -19.61 46.58
CA GLU A 275 10.24 -20.82 47.18
C GLU A 275 11.76 -20.67 47.26
N LYS A 276 12.39 -20.14 46.23
CA LYS A 276 13.87 -20.02 46.19
C LYS A 276 14.37 -18.87 47.05
N ILE A 277 13.58 -17.82 47.20
CA ILE A 277 14.09 -16.60 47.88
C ILE A 277 14.31 -16.80 49.37
N LYS A 278 13.63 -17.77 49.96
CA LYS A 278 13.86 -18.04 51.40
C LYS A 278 15.31 -18.50 51.62
N LYS A 279 15.81 -19.39 50.77
CA LYS A 279 17.17 -19.89 50.97
C LYS A 279 18.17 -18.96 50.30
N SER A 280 18.02 -18.72 48.99
CA SER A 280 18.97 -17.87 48.25
C SER A 280 18.58 -16.40 48.43
N PRO A 281 19.54 -15.49 48.60
CA PRO A 281 19.23 -14.09 48.79
C PRO A 281 19.22 -13.33 47.48
N LEU A 282 18.51 -12.21 47.46
CA LEU A 282 18.50 -11.33 46.28
C LEU A 282 19.82 -10.57 46.19
N THR A 283 20.64 -10.62 47.24
CA THR A 283 21.98 -9.97 47.18
C THR A 283 22.82 -10.59 46.06
N ILE A 284 22.61 -11.86 45.77
CA ILE A 284 23.42 -12.55 44.74
C ILE A 284 23.14 -11.96 43.37
N CYS A 285 22.02 -11.25 43.20
CA CYS A 285 21.78 -10.55 41.92
C CYS A 285 22.05 -9.05 42.06
N TYR A 286 21.56 -8.44 43.14
CA TYR A 286 21.81 -7.00 43.36
C TYR A 286 22.69 -6.84 44.61
N PRO A 287 23.96 -6.43 44.47
CA PRO A 287 24.77 -6.18 45.65
C PRO A 287 24.20 -5.02 46.48
N GLU A 288 23.70 -3.99 45.81
CA GLU A 288 23.18 -2.79 46.51
C GLU A 288 21.69 -2.89 46.72
N TYR A 289 21.25 -3.89 47.48
CA TYR A 289 19.80 -4.07 47.74
C TYR A 289 19.58 -3.96 49.24
N ALA A 290 19.06 -2.82 49.68
CA ALA A 290 18.83 -2.60 51.12
C ALA A 290 17.40 -3.02 51.48
N GLY A 291 17.22 -4.30 51.75
CA GLY A 291 15.85 -4.76 52.05
C GLY A 291 15.83 -6.18 52.57
N SER A 292 14.67 -6.60 53.02
CA SER A 292 14.50 -7.96 53.55
C SER A 292 14.37 -8.99 52.44
N ASN A 293 14.69 -10.24 52.76
CA ASN A 293 14.61 -11.33 51.75
C ASN A 293 13.24 -11.98 51.80
N THR A 294 12.20 -11.19 51.57
CA THR A 294 10.83 -11.72 51.52
C THR A 294 10.28 -11.54 50.10
N TYR A 295 9.29 -12.33 49.75
CA TYR A 295 8.79 -12.29 48.36
C TYR A 295 8.12 -10.97 48.02
N GLU A 296 7.25 -10.47 48.87
CA GLU A 296 6.43 -9.29 48.49
C GLU A 296 7.25 -8.00 48.42
N GLU A 297 8.45 -8.01 48.98
CA GLU A 297 9.29 -6.79 48.93
C GLU A 297 10.36 -6.92 47.83
N ALA A 298 10.99 -8.08 47.74
CA ALA A 298 11.98 -8.29 46.66
C ALA A 298 11.31 -8.30 45.30
N ALA A 299 10.10 -8.82 45.20
CA ALA A 299 9.38 -8.78 43.91
C ALA A 299 9.13 -7.33 43.52
N ALA A 300 8.72 -6.49 44.46
CA ALA A 300 8.53 -5.06 44.14
C ALA A 300 9.87 -4.45 43.75
N TYR A 301 10.94 -4.89 44.38
CA TYR A 301 12.29 -4.38 44.03
C TYR A 301 12.62 -4.76 42.58
N ILE A 302 12.29 -6.00 42.19
CA ILE A 302 12.55 -6.44 40.79
C ILE A 302 11.71 -5.58 39.84
N GLN A 303 10.45 -5.37 40.17
CA GLN A 303 9.56 -4.57 39.30
C GLN A 303 10.10 -3.16 39.19
N CYS A 304 10.62 -2.60 40.27
CA CYS A 304 11.23 -1.25 40.22
C CYS A 304 12.49 -1.26 39.36
N GLN A 305 13.32 -2.28 39.48
CA GLN A 305 14.60 -2.32 38.73
C GLN A 305 14.32 -2.51 37.24
N PHE A 306 13.18 -3.08 36.90
CA PHE A 306 12.82 -3.20 35.47
C PHE A 306 12.03 -2.00 34.98
N GLU A 307 11.22 -1.38 35.83
CA GLU A 307 10.37 -0.24 35.44
C GLU A 307 11.16 1.07 35.48
N ASP A 308 12.38 1.06 36.01
CA ASP A 308 13.22 2.29 36.02
C ASP A 308 14.29 2.21 34.93
N LEU A 309 14.25 1.18 34.09
CA LEU A 309 15.22 1.05 32.98
C LEU A 309 14.79 1.88 31.77
N ASN A 310 13.58 2.43 31.79
CA ASN A 310 13.08 3.22 30.67
C ASN A 310 13.45 4.69 30.82
N LYS A 311 13.86 5.32 29.72
CA LYS A 311 14.18 6.76 29.73
C LYS A 311 13.08 7.54 29.01
N ARG A 312 11.93 6.91 28.78
CA ARG A 312 10.83 7.54 28.01
C ARG A 312 9.57 7.46 28.87
N LYS A 313 9.67 7.78 30.15
CA LYS A 313 8.52 7.64 31.07
C LYS A 313 7.35 8.54 30.63
N ASP A 314 7.65 9.62 29.94
CA ASP A 314 6.57 10.54 29.49
C ASP A 314 5.75 9.95 28.35
N THR A 315 6.40 9.27 27.42
CA THR A 315 5.71 8.83 26.18
C THR A 315 5.22 7.39 26.23
N LYS A 316 5.59 6.60 27.25
CA LYS A 316 5.11 5.21 27.23
C LYS A 316 4.98 4.65 28.62
N GLU A 317 4.08 3.68 28.77
CA GLU A 317 3.78 3.10 30.08
C GLU A 317 4.19 1.63 30.09
N ILE A 318 4.69 1.18 31.23
CA ILE A 318 5.02 -0.25 31.41
C ILE A 318 4.00 -0.86 32.35
N TYR A 319 3.35 -1.92 31.90
CA TYR A 319 2.41 -2.65 32.77
C TYR A 319 3.11 -3.90 33.25
N THR A 320 3.24 -4.04 34.55
CA THR A 320 3.94 -5.20 35.14
C THR A 320 2.95 -6.15 35.77
N HIS A 321 3.19 -7.44 35.59
CA HIS A 321 2.32 -8.46 36.24
C HIS A 321 3.18 -9.59 36.75
N PHE A 322 2.76 -10.20 37.85
CA PHE A 322 3.45 -11.38 38.38
C PHE A 322 2.62 -12.62 38.07
N THR A 323 3.23 -13.56 37.37
CA THR A 323 2.50 -14.77 36.95
C THR A 323 3.29 -16.05 37.21
N CYS A 324 2.65 -17.06 37.77
CA CYS A 324 3.29 -18.39 37.89
C CYS A 324 2.45 -19.41 37.12
N SER A 325 1.20 -19.62 37.52
CA SER A 325 0.27 -20.54 36.81
C SER A 325 -1.10 -19.86 36.87
N THR A 326 -1.12 -18.56 36.58
CA THR A 326 -2.35 -17.78 36.78
C THR A 326 -3.51 -18.33 35.97
N ASP A 327 -4.66 -18.48 36.62
CA ASP A 327 -5.85 -19.09 35.97
C ASP A 327 -6.49 -18.11 34.98
N THR A 328 -5.87 -17.91 33.82
CA THR A 328 -6.47 -17.09 32.73
C THR A 328 -6.66 -15.66 33.16
N LYS A 329 -5.81 -15.17 34.07
CA LYS A 329 -5.87 -13.73 34.39
C LYS A 329 -4.73 -13.00 33.68
N ASN A 330 -3.85 -13.73 33.00
CA ASN A 330 -2.81 -13.07 32.18
C ASN A 330 -3.46 -12.48 30.93
N VAL A 331 -4.41 -13.20 30.37
CA VAL A 331 -5.14 -12.69 29.19
C VAL A 331 -5.93 -11.46 29.59
N GLN A 332 -6.49 -11.45 30.80
CA GLN A 332 -7.22 -10.26 31.29
C GLN A 332 -6.25 -9.09 31.40
N PHE A 333 -5.07 -9.33 31.92
CA PHE A 333 -4.10 -8.23 32.10
C PHE A 333 -3.66 -7.70 30.75
N VAL A 334 -3.41 -8.59 29.80
CA VAL A 334 -3.01 -8.16 28.44
C VAL A 334 -4.15 -7.40 27.80
N PHE A 335 -5.38 -7.85 27.98
CA PHE A 335 -6.55 -7.16 27.41
C PHE A 335 -6.68 -5.77 28.00
N ASP A 336 -6.51 -5.63 29.31
CA ASP A 336 -6.63 -4.30 29.95
C ASP A 336 -5.51 -3.39 29.47
N ALA A 337 -4.30 -3.88 29.42
CA ALA A 337 -3.17 -3.05 28.99
C ALA A 337 -3.37 -2.64 27.54
N VAL A 338 -3.79 -3.57 26.70
CA VAL A 338 -4.02 -3.27 25.27
C VAL A 338 -5.19 -2.29 25.11
N THR A 339 -6.22 -2.44 25.92
CA THR A 339 -7.35 -1.48 25.86
C THR A 339 -6.88 -0.09 26.26
N ASP A 340 -6.04 0.02 27.27
CA ASP A 340 -5.49 1.34 27.66
C ASP A 340 -4.64 1.87 26.53
N VAL A 341 -3.84 1.04 25.90
CA VAL A 341 -2.95 1.47 24.80
C VAL A 341 -3.81 1.93 23.62
N ILE A 342 -4.88 1.21 23.33
CA ILE A 342 -5.76 1.58 22.20
C ILE A 342 -6.43 2.91 22.51
N ILE A 343 -6.88 3.13 23.73
CA ILE A 343 -7.52 4.40 24.10
C ILE A 343 -6.48 5.52 24.00
N LYS A 344 -5.28 5.33 24.50
CA LYS A 344 -4.23 6.36 24.43
C LYS A 344 -3.85 6.63 22.98
N ASN A 345 -3.87 5.63 22.14
CA ASN A 345 -3.59 5.82 20.70
C ASN A 345 -4.72 6.60 20.04
N ASN A 346 -5.96 6.31 20.38
CA ASN A 346 -7.13 7.04 19.84
C ASN A 346 -7.09 8.48 20.31
N LEU A 347 -6.60 8.75 21.51
CA LEU A 347 -6.40 10.14 21.96
C LEU A 347 -5.27 10.85 21.19
N LYS A 348 -4.17 10.17 20.92
CA LYS A 348 -3.07 10.77 20.15
C LYS A 348 -3.52 11.08 18.74
N ASP A 349 -4.34 10.22 18.14
CA ASP A 349 -4.85 10.47 16.77
C ASP A 349 -5.71 11.73 16.81
N CYS A 350 -6.44 11.89 17.88
CA CYS A 350 -7.19 13.15 18.09
C CYS A 350 -6.21 14.16 18.71
N GLY A 351 -6.71 15.25 19.22
CA GLY A 351 -5.77 16.18 19.86
C GLY A 351 -5.80 16.09 21.36
N LEU A 352 -6.62 15.21 21.91
CA LEU A 352 -6.78 15.19 23.39
C LEU A 352 -5.47 14.87 24.08
N PHE A 353 -4.66 14.02 23.50
CA PHE A 353 -3.41 13.62 24.20
C PHE A 353 -2.30 14.61 23.81
N ASP B 18 45.84 -20.08 19.60
CA ASP B 18 46.36 -18.78 19.04
C ASP B 18 47.61 -19.02 18.20
N GLN B 19 48.03 -20.27 18.09
CA GLN B 19 49.26 -20.58 17.31
C GLN B 19 49.03 -20.22 15.83
N LEU B 20 47.85 -20.53 15.31
CA LEU B 20 47.57 -20.27 13.87
C LEU B 20 46.79 -18.98 13.70
N ARG B 21 46.32 -18.38 14.79
CA ARG B 21 45.67 -17.05 14.69
C ARG B 21 46.70 -16.01 14.27
N GLN B 22 47.96 -16.23 14.64
CA GLN B 22 49.04 -15.30 14.25
C GLN B 22 49.23 -15.27 12.73
N GLU B 23 49.23 -16.43 12.08
CA GLU B 23 49.48 -16.46 10.62
C GLU B 23 48.31 -15.78 9.89
N ALA B 24 47.15 -15.69 10.53
CA ALA B 24 46.03 -14.94 9.91
C ALA B 24 46.44 -13.47 9.74
N GLU B 25 47.09 -12.89 10.74
CA GLU B 25 47.60 -11.49 10.60
C GLU B 25 48.69 -11.44 9.51
N GLN B 26 49.51 -12.47 9.44
CA GLN B 26 50.58 -12.49 8.41
C GLN B 26 49.97 -12.47 7.01
N LEU B 27 48.98 -13.32 6.79
CA LEU B 27 48.34 -13.40 5.44
C LEU B 27 47.55 -12.12 5.19
N LYS B 28 46.94 -11.56 6.22
CA LYS B 28 46.24 -10.27 6.04
C LYS B 28 47.23 -9.18 5.63
N ASN B 29 48.41 -9.13 6.25
CA ASN B 29 49.44 -8.14 5.85
C ASN B 29 49.91 -8.41 4.43
N GLN B 30 50.09 -9.68 4.07
CA GLN B 30 50.51 -10.01 2.69
C GLN B 30 49.46 -9.53 1.68
N ILE B 31 48.18 -9.80 1.96
CA ILE B 31 47.10 -9.37 1.04
C ILE B 31 47.02 -7.84 1.01
N ARG B 32 47.17 -7.20 2.16
CA ARG B 32 47.08 -5.71 2.21
C ARG B 32 48.21 -5.11 1.39
N ASP B 33 49.41 -5.65 1.50
CA ASP B 33 50.55 -5.14 0.70
C ASP B 33 50.32 -5.44 -0.77
N ALA B 34 49.80 -6.61 -1.08
CA ALA B 34 49.59 -6.99 -2.50
C ALA B 34 48.59 -6.04 -3.15
N ARG B 35 47.52 -5.69 -2.44
CA ARG B 35 46.54 -4.74 -3.01
C ARG B 35 47.00 -3.29 -2.84
N LYS B 36 47.95 -3.03 -1.95
CA LYS B 36 48.53 -1.67 -1.84
C LYS B 36 49.42 -1.38 -3.05
N ALA B 37 50.17 -2.38 -3.50
CA ALA B 37 51.09 -2.19 -4.64
C ALA B 37 50.27 -1.88 -5.89
N CYS B 38 49.14 -2.56 -6.06
CA CYS B 38 48.30 -2.35 -7.26
C CYS B 38 47.67 -0.95 -7.25
N ALA B 39 47.55 -0.32 -6.09
CA ALA B 39 46.90 1.01 -5.99
C ALA B 39 47.87 2.10 -6.42
N ASP B 40 48.34 2.02 -7.66
CA ASP B 40 49.27 3.03 -8.18
C ASP B 40 48.58 4.38 -8.36
N ALA B 41 47.39 4.39 -8.95
CA ALA B 41 46.65 5.64 -9.17
C ALA B 41 45.18 5.42 -8.81
N THR B 42 44.64 6.29 -7.98
CA THR B 42 43.24 6.18 -7.55
C THR B 42 42.30 6.49 -8.71
N LEU B 43 41.08 5.98 -8.65
CA LEU B 43 40.09 6.22 -9.71
C LEU B 43 39.78 7.71 -9.80
N SER B 44 39.85 8.43 -8.69
CA SER B 44 39.50 9.87 -8.70
C SER B 44 40.48 10.65 -9.59
N GLN B 45 41.75 10.32 -9.52
CA GLN B 45 42.76 10.99 -10.39
C GLN B 45 42.48 10.70 -11.85
N ILE B 46 42.15 9.45 -12.19
CA ILE B 46 41.94 9.06 -13.61
C ILE B 46 40.72 9.76 -14.21
N THR B 47 39.77 10.15 -13.37
CA THR B 47 38.51 10.77 -13.88
C THR B 47 38.49 12.28 -13.65
N ASN B 48 39.64 12.94 -13.70
CA ASN B 48 39.68 14.41 -13.59
C ASN B 48 39.53 15.07 -14.97
N ASN B 49 39.39 14.28 -16.02
CA ASN B 49 39.26 14.85 -17.38
C ASN B 49 37.87 14.59 -17.96
N ILE B 50 37.16 13.60 -17.43
CA ILE B 50 35.85 13.25 -18.05
C ILE B 50 34.84 14.36 -17.78
N ASP B 51 33.86 14.47 -18.66
CA ASP B 51 32.83 15.51 -18.47
C ASP B 51 31.93 15.08 -17.31
N PRO B 52 31.77 15.90 -16.27
CA PRO B 52 30.87 15.55 -15.21
C PRO B 52 29.41 15.66 -15.58
N VAL B 53 28.56 14.93 -14.88
CA VAL B 53 27.10 15.05 -15.05
C VAL B 53 26.55 15.57 -13.72
N GLY B 54 25.77 16.64 -13.76
CA GLY B 54 25.28 17.20 -12.49
C GLY B 54 23.83 17.62 -12.59
N ARG B 55 23.24 17.45 -13.75
CA ARG B 55 21.86 17.92 -13.98
C ARG B 55 20.92 16.72 -13.95
N ILE B 56 21.22 15.71 -13.13
CA ILE B 56 20.37 14.49 -13.18
C ILE B 56 19.12 14.78 -12.36
N GLN B 57 18.06 15.21 -13.03
CA GLN B 57 16.78 15.48 -12.34
C GLN B 57 15.73 14.54 -12.91
N MET B 58 15.26 13.63 -12.06
CA MET B 58 14.26 12.66 -12.50
C MET B 58 12.97 13.02 -11.78
N ARG B 59 11.86 12.77 -12.43
CA ARG B 59 10.56 13.14 -11.86
C ARG B 59 9.70 11.89 -11.71
N THR B 60 8.83 11.89 -10.72
CA THR B 60 7.98 10.74 -10.45
C THR B 60 6.97 10.62 -11.58
N ARG B 61 7.11 9.60 -12.41
CA ARG B 61 6.21 9.37 -13.53
C ARG B 61 5.02 8.55 -13.09
N ARG B 62 5.23 7.59 -12.20
CA ARG B 62 4.12 6.77 -11.66
C ARG B 62 4.24 6.66 -10.16
N THR B 63 3.13 6.52 -9.48
CA THR B 63 3.14 6.24 -8.04
C THR B 63 2.23 5.03 -7.83
N LEU B 64 2.79 3.93 -7.34
CA LEU B 64 2.02 2.70 -7.11
C LEU B 64 1.52 2.75 -5.69
N ARG B 65 0.19 2.74 -5.52
CA ARG B 65 -0.40 3.04 -4.21
C ARG B 65 -1.08 1.87 -3.52
N GLY B 66 -1.00 0.69 -4.05
CA GLY B 66 -1.74 -0.43 -3.46
C GLY B 66 -1.35 -0.86 -2.07
N HIS B 67 -0.07 -0.84 -1.74
CA HIS B 67 0.37 -1.42 -0.45
C HIS B 67 -0.12 -0.63 0.74
N LEU B 68 -0.46 -1.32 1.81
CA LEU B 68 -1.01 -0.69 3.03
C LEU B 68 -0.02 -0.78 4.18
N ALA B 69 1.22 -1.13 3.91
CA ALA B 69 2.24 -1.17 4.97
C ALA B 69 3.60 -0.86 4.37
N LYS B 70 4.62 -0.98 5.18
CA LYS B 70 5.99 -0.67 4.74
C LYS B 70 6.41 -1.59 3.61
N ILE B 71 7.03 -1.02 2.59
CA ILE B 71 7.50 -1.81 1.43
C ILE B 71 8.94 -2.15 1.66
N TYR B 72 9.27 -3.43 1.71
CA TYR B 72 10.63 -3.86 2.08
C TYR B 72 11.47 -4.20 0.88
N ALA B 73 10.84 -4.71 -0.15
CA ALA B 73 11.57 -5.15 -1.34
C ALA B 73 10.76 -4.97 -2.61
N MET B 74 11.45 -4.60 -3.67
CA MET B 74 10.84 -4.52 -4.99
C MET B 74 11.84 -5.10 -5.95
N HIS B 75 11.35 -5.72 -7.01
CA HIS B 75 12.24 -6.25 -8.06
C HIS B 75 11.64 -6.01 -9.44
N TRP B 76 12.42 -5.46 -10.33
CA TRP B 76 12.00 -5.27 -11.71
C TRP B 76 11.99 -6.58 -12.47
N GLY B 77 11.12 -6.67 -13.43
CA GLY B 77 11.16 -7.78 -14.38
C GLY B 77 12.20 -7.54 -15.44
N THR B 78 12.59 -8.61 -16.12
CA THR B 78 13.56 -8.50 -17.22
C THR B 78 12.94 -7.80 -18.42
N ASP B 79 11.62 -7.71 -18.46
CA ASP B 79 10.94 -6.98 -19.55
C ASP B 79 10.90 -5.48 -19.27
N SER B 80 11.35 -5.04 -18.10
CA SER B 80 11.46 -3.62 -17.72
C SER B 80 10.09 -3.00 -17.56
N ARG B 81 9.03 -3.78 -17.49
CA ARG B 81 7.66 -3.25 -17.38
C ARG B 81 6.99 -3.74 -16.11
N LEU B 82 7.09 -5.02 -15.81
CA LEU B 82 6.44 -5.60 -14.63
C LEU B 82 7.41 -5.59 -13.48
N LEU B 83 6.97 -5.14 -12.32
CA LEU B 83 7.79 -5.17 -11.11
C LEU B 83 7.02 -5.82 -9.98
N VAL B 84 7.72 -6.60 -9.17
CA VAL B 84 7.12 -7.23 -7.98
C VAL B 84 7.49 -6.38 -6.78
N SER B 85 6.56 -6.21 -5.88
CA SER B 85 6.75 -5.39 -4.68
C SER B 85 6.38 -6.22 -3.46
N ALA B 86 7.20 -6.17 -2.44
CA ALA B 86 6.98 -6.90 -1.18
C ALA B 86 6.71 -5.92 -0.07
N SER B 87 5.68 -6.18 0.69
CA SER B 87 5.32 -5.31 1.82
C SER B 87 4.88 -6.17 3.00
N GLN B 88 4.71 -5.54 4.15
CA GLN B 88 4.38 -6.25 5.40
C GLN B 88 2.89 -6.32 5.67
N ASP B 89 2.06 -5.98 4.71
CA ASP B 89 0.64 -6.25 4.82
C ASP B 89 0.40 -7.69 4.40
N GLY B 90 1.47 -8.42 4.06
CA GLY B 90 1.32 -9.82 3.63
C GLY B 90 0.96 -9.97 2.19
N LYS B 91 1.23 -8.96 1.38
CA LYS B 91 0.91 -8.99 -0.04
C LYS B 91 2.14 -8.85 -0.90
N LEU B 92 2.21 -9.66 -1.95
CA LEU B 92 3.26 -9.52 -2.98
C LEU B 92 2.50 -9.06 -4.21
N ILE B 93 2.80 -7.86 -4.66
CA ILE B 93 2.05 -7.26 -5.79
C ILE B 93 2.93 -7.13 -7.01
N ILE B 94 2.46 -7.67 -8.14
CA ILE B 94 3.14 -7.47 -9.44
C ILE B 94 2.44 -6.30 -10.07
N TRP B 95 3.20 -5.30 -10.48
CA TRP B 95 2.67 -4.08 -11.04
C TRP B 95 2.97 -3.96 -12.50
N ASP B 96 2.07 -3.33 -13.23
CA ASP B 96 2.35 -2.92 -14.61
C ASP B 96 2.82 -1.47 -14.46
N SER B 97 4.12 -1.24 -14.54
CA SER B 97 4.66 0.10 -14.30
C SER B 97 4.16 1.08 -15.35
N TYR B 98 3.84 0.62 -16.55
CA TYR B 98 3.40 1.52 -17.61
C TYR B 98 2.02 2.08 -17.32
N THR B 99 1.08 1.24 -16.90
CA THR B 99 -0.31 1.63 -16.65
C THR B 99 -0.64 1.77 -15.18
N THR B 100 0.30 1.47 -14.28
CA THR B 100 0.08 1.54 -12.81
C THR B 100 -0.83 0.40 -12.37
N ASN B 101 -1.13 -0.52 -13.27
CA ASN B 101 -2.11 -1.58 -12.98
C ASN B 101 -1.51 -2.64 -12.09
N LYS B 102 -2.37 -3.34 -11.35
CA LYS B 102 -1.92 -4.48 -10.54
C LYS B 102 -2.23 -5.75 -11.30
N VAL B 103 -1.20 -6.44 -11.76
CA VAL B 103 -1.39 -7.73 -12.46
C VAL B 103 -1.79 -8.82 -11.48
N HIS B 104 -1.05 -8.95 -10.39
CA HIS B 104 -1.33 -9.98 -9.37
C HIS B 104 -1.14 -9.40 -7.99
N ALA B 105 -1.89 -9.90 -7.03
CA ALA B 105 -1.68 -9.56 -5.61
C ALA B 105 -1.61 -10.89 -4.88
N ILE B 106 -0.43 -11.27 -4.44
CA ILE B 106 -0.21 -12.61 -3.84
C ILE B 106 -0.30 -12.50 -2.34
N PRO B 107 -1.21 -13.23 -1.67
CA PRO B 107 -1.25 -13.24 -0.23
C PRO B 107 -0.20 -14.18 0.35
N LEU B 108 0.77 -13.62 1.04
CA LEU B 108 1.86 -14.44 1.63
C LEU B 108 1.41 -15.09 2.92
N ARG B 109 1.94 -16.28 3.21
CA ARG B 109 1.63 -16.94 4.49
C ARG B 109 2.25 -16.15 5.64
N SER B 110 3.47 -15.64 5.44
CA SER B 110 4.15 -14.83 6.47
C SER B 110 4.22 -13.40 5.98
N SER B 111 3.75 -12.48 6.80
CA SER B 111 3.76 -11.04 6.43
C SER B 111 5.13 -10.40 6.66
N TRP B 112 6.05 -11.09 7.30
CA TRP B 112 7.36 -10.52 7.68
C TRP B 112 8.35 -10.80 6.59
N VAL B 113 8.04 -10.36 5.39
CA VAL B 113 8.90 -10.57 4.21
C VAL B 113 9.86 -9.42 4.05
N MET B 114 11.14 -9.74 3.96
CA MET B 114 12.19 -8.72 3.85
C MET B 114 12.76 -8.69 2.44
N THR B 115 12.38 -9.64 1.61
CA THR B 115 12.94 -9.72 0.24
C THR B 115 11.92 -10.23 -0.75
N CYS B 116 12.14 -9.93 -2.00
CA CYS B 116 11.33 -10.44 -3.11
C CYS B 116 12.18 -10.44 -4.37
N ALA B 117 12.04 -11.47 -5.17
CA ALA B 117 12.73 -11.55 -6.46
C ALA B 117 11.73 -11.88 -7.55
N TYR B 118 12.01 -11.44 -8.75
CA TYR B 118 11.20 -11.77 -9.92
C TYR B 118 12.07 -12.60 -10.84
N ALA B 119 11.58 -13.76 -11.26
CA ALA B 119 12.37 -14.69 -12.07
C ALA B 119 12.73 -14.01 -13.38
N PRO B 120 13.94 -14.20 -13.93
CA PRO B 120 14.26 -13.60 -15.21
C PRO B 120 13.31 -14.04 -16.32
N SER B 121 12.89 -15.29 -16.30
CA SER B 121 11.87 -15.78 -17.26
C SER B 121 10.54 -15.09 -17.02
N GLY B 122 10.26 -14.68 -15.80
CA GLY B 122 8.99 -14.04 -15.46
C GLY B 122 7.92 -14.99 -14.98
N ASN B 123 8.23 -16.27 -14.90
CA ASN B 123 7.22 -17.29 -14.54
C ASN B 123 7.10 -17.45 -13.05
N TYR B 124 8.03 -16.94 -12.27
CA TYR B 124 8.00 -17.11 -10.81
C TYR B 124 8.43 -15.86 -10.09
N VAL B 125 8.00 -15.76 -8.85
CA VAL B 125 8.49 -14.71 -7.93
C VAL B 125 8.85 -15.45 -6.65
N ALA B 126 9.79 -14.91 -5.92
CA ALA B 126 10.23 -15.50 -4.65
C ALA B 126 10.02 -14.48 -3.55
N CYS B 127 9.77 -14.94 -2.36
CA CYS B 127 9.50 -14.06 -1.23
C CYS B 127 10.05 -14.72 0.02
N GLY B 128 10.82 -13.98 0.78
CA GLY B 128 11.36 -14.49 2.04
C GLY B 128 11.39 -13.43 3.09
N GLY B 129 11.59 -13.84 4.31
CA GLY B 129 11.72 -12.89 5.39
C GLY B 129 11.99 -13.54 6.71
N LEU B 130 11.27 -13.13 7.73
CA LEU B 130 11.52 -13.58 9.12
C LEU B 130 11.05 -15.02 9.34
N ASP B 131 10.35 -15.63 8.40
CA ASP B 131 9.89 -17.03 8.52
C ASP B 131 10.99 -18.00 8.13
N ASN B 132 12.14 -17.54 7.67
CA ASN B 132 13.32 -18.38 7.35
C ASN B 132 13.03 -19.27 6.15
N ILE B 133 12.10 -18.86 5.29
CA ILE B 133 11.69 -19.69 4.13
C ILE B 133 11.66 -18.83 2.89
N CYS B 134 12.22 -19.32 1.80
CA CYS B 134 12.12 -18.67 0.48
C CYS B 134 10.98 -19.35 -0.27
N SER B 135 9.83 -18.68 -0.34
CA SER B 135 8.64 -19.23 -1.01
C SER B 135 8.70 -18.88 -2.48
N ILE B 136 8.54 -19.86 -3.36
CA ILE B 136 8.54 -19.69 -4.82
C ILE B 136 7.10 -19.71 -5.27
N TYR B 137 6.70 -18.69 -6.02
CA TYR B 137 5.30 -18.54 -6.43
C TYR B 137 5.25 -18.66 -7.93
N ASN B 138 4.36 -19.50 -8.41
CA ASN B 138 4.22 -19.72 -9.87
C ASN B 138 3.21 -18.73 -10.41
N LEU B 139 3.67 -17.83 -11.27
CA LEU B 139 2.82 -16.74 -11.80
C LEU B 139 2.00 -17.21 -13.00
N LYS B 140 2.43 -18.25 -13.70
CA LYS B 140 1.77 -18.68 -14.94
C LYS B 140 1.29 -20.10 -14.76
N THR B 141 0.05 -20.26 -14.35
CA THR B 141 -0.53 -21.60 -14.08
C THR B 141 -1.73 -21.81 -14.98
N ARG B 142 -2.14 -23.06 -15.18
CA ARG B 142 -3.34 -23.39 -15.97
C ARG B 142 -4.54 -22.80 -15.28
N GLU B 143 -4.47 -22.64 -13.96
CA GLU B 143 -5.57 -21.93 -13.26
C GLU B 143 -5.23 -20.45 -13.40
N GLY B 144 -6.05 -19.57 -12.87
CA GLY B 144 -5.75 -18.14 -12.93
C GLY B 144 -5.12 -17.57 -11.68
N ASN B 145 -4.85 -18.39 -10.69
CA ASN B 145 -4.27 -17.89 -9.43
C ASN B 145 -2.77 -18.08 -9.39
N VAL B 146 -2.10 -17.31 -8.56
CA VAL B 146 -0.65 -17.51 -8.32
C VAL B 146 -0.52 -18.50 -7.17
N ARG B 147 0.16 -19.60 -7.41
CA ARG B 147 0.28 -20.69 -6.43
C ARG B 147 1.70 -20.79 -5.91
N VAL B 148 1.83 -21.21 -4.67
CA VAL B 148 3.18 -21.45 -4.09
C VAL B 148 3.77 -22.65 -4.83
N SER B 149 4.85 -22.41 -5.54
CA SER B 149 5.52 -23.50 -6.26
C SER B 149 6.19 -24.42 -5.25
N ARG B 150 7.09 -23.90 -4.42
CA ARG B 150 7.76 -24.70 -3.39
C ARG B 150 8.39 -23.81 -2.34
N GLU B 151 8.24 -24.15 -1.07
CA GLU B 151 8.84 -23.39 0.02
C GLU B 151 10.22 -23.96 0.32
N LEU B 152 11.24 -23.13 0.26
CA LEU B 152 12.62 -23.56 0.54
C LEU B 152 12.87 -23.27 2.01
N ALA B 153 12.97 -24.32 2.82
CA ALA B 153 13.03 -24.13 4.28
C ALA B 153 14.28 -24.71 4.92
N GLY B 154 15.46 -24.42 4.39
CA GLY B 154 16.70 -24.91 5.02
C GLY B 154 17.50 -23.87 5.77
N HIS B 155 17.06 -22.63 5.76
CA HIS B 155 17.79 -21.53 6.42
C HIS B 155 17.38 -21.41 7.87
N THR B 156 18.24 -20.80 8.67
CA THR B 156 18.02 -20.71 10.12
C THR B 156 17.69 -19.29 10.55
N GLY B 157 18.29 -18.30 9.92
CA GLY B 157 17.92 -16.90 10.18
C GLY B 157 16.99 -16.35 9.14
N TYR B 158 16.61 -15.10 9.32
CA TYR B 158 15.72 -14.44 8.36
C TYR B 158 16.38 -14.38 7.00
N LEU B 159 15.59 -14.56 5.94
CA LEU B 159 16.11 -14.34 4.59
C LEU B 159 16.13 -12.86 4.26
N SER B 160 17.30 -12.35 3.91
CA SER B 160 17.47 -10.92 3.61
C SER B 160 17.43 -10.65 2.12
N CYS B 161 17.84 -11.60 1.31
CA CYS B 161 17.88 -11.43 -0.14
C CYS B 161 17.76 -12.78 -0.81
N CYS B 162 17.08 -12.81 -1.94
CA CYS B 162 16.94 -14.01 -2.77
C CYS B 162 16.98 -13.54 -4.21
N ARG B 163 17.83 -14.16 -5.01
CA ARG B 163 17.99 -13.78 -6.42
C ARG B 163 17.85 -15.03 -7.27
N PHE B 164 17.03 -14.98 -8.28
CA PHE B 164 16.82 -16.12 -9.19
C PHE B 164 17.96 -16.21 -10.17
N LEU B 165 18.51 -17.40 -10.30
CA LEU B 165 19.54 -17.65 -11.35
C LEU B 165 18.81 -18.17 -12.58
N ASP B 166 17.80 -18.99 -12.38
CA ASP B 166 17.01 -19.60 -13.46
C ASP B 166 15.65 -19.97 -12.89
N ASP B 167 14.86 -20.71 -13.62
CA ASP B 167 13.56 -21.18 -13.08
C ASP B 167 13.78 -22.28 -12.07
N ASN B 168 14.99 -22.85 -12.01
CA ASN B 168 15.26 -24.00 -11.11
C ASN B 168 16.37 -23.71 -10.12
N GLN B 169 16.92 -22.51 -10.11
CA GLN B 169 18.03 -22.18 -9.22
C GLN B 169 17.82 -20.81 -8.62
N ILE B 170 17.80 -20.73 -7.30
CA ILE B 170 17.72 -19.44 -6.60
C ILE B 170 18.77 -19.40 -5.51
N VAL B 171 19.48 -18.30 -5.41
CA VAL B 171 20.48 -18.10 -4.35
C VAL B 171 19.86 -17.16 -3.32
N THR B 172 19.93 -17.56 -2.06
CA THR B 172 19.34 -16.78 -0.97
C THR B 172 20.36 -16.46 0.09
N SER B 173 20.31 -15.24 0.61
CA SER B 173 21.12 -14.84 1.75
C SER B 173 20.25 -14.92 2.99
N SER B 174 20.87 -15.04 4.15
CA SER B 174 20.09 -15.23 5.38
C SER B 174 20.76 -14.58 6.56
N GLY B 175 20.03 -14.45 7.65
CA GLY B 175 20.58 -13.97 8.91
C GLY B 175 21.33 -15.05 9.64
N ASP B 176 21.36 -16.27 9.12
CA ASP B 176 22.14 -17.36 9.71
C ASP B 176 23.59 -17.21 9.27
N THR B 177 23.93 -16.12 8.60
CA THR B 177 25.33 -15.78 8.25
C THR B 177 25.75 -16.55 7.01
N THR B 178 24.84 -17.31 6.44
CA THR B 178 25.21 -18.18 5.30
C THR B 178 24.35 -17.87 4.09
N CYS B 179 24.94 -17.96 2.92
CA CYS B 179 24.20 -17.86 1.66
C CYS B 179 24.07 -19.27 1.10
N ALA B 180 22.94 -19.56 0.47
CA ALA B 180 22.69 -20.91 -0.03
C ALA B 180 22.23 -20.85 -1.47
N LEU B 181 22.63 -21.85 -2.24
CA LEU B 181 22.14 -22.02 -3.63
C LEU B 181 21.15 -23.18 -3.59
N TRP B 182 20.00 -22.98 -4.21
CA TRP B 182 18.92 -23.98 -4.13
C TRP B 182 18.55 -24.56 -5.48
N ASP B 183 18.05 -25.78 -5.47
CA ASP B 183 17.47 -26.40 -6.68
C ASP B 183 16.00 -26.40 -6.40
N ILE B 184 15.24 -25.62 -7.15
CA ILE B 184 13.82 -25.38 -6.80
C ILE B 184 12.96 -26.62 -6.93
N GLU B 185 13.14 -27.40 -7.98
CA GLU B 185 12.23 -28.56 -8.20
C GLU B 185 12.45 -29.65 -7.18
N THR B 186 13.66 -29.78 -6.68
CA THR B 186 13.91 -30.74 -5.58
C THR B 186 13.68 -30.06 -4.23
N GLY B 187 14.08 -28.81 -4.10
CA GLY B 187 13.87 -28.07 -2.84
C GLY B 187 15.04 -28.12 -1.89
N GLN B 188 16.17 -28.66 -2.33
CA GLN B 188 17.34 -28.84 -1.44
C GLN B 188 18.42 -27.83 -1.81
N GLN B 189 19.07 -27.28 -0.79
CA GLN B 189 20.16 -26.33 -1.07
C GLN B 189 21.34 -27.12 -1.60
N THR B 190 21.58 -27.02 -2.90
CA THR B 190 22.67 -27.76 -3.52
C THR B 190 24.02 -27.30 -2.99
N THR B 191 24.20 -26.01 -2.84
CA THR B 191 25.46 -25.46 -2.33
C THR B 191 25.20 -24.45 -1.24
N THR B 192 25.96 -24.54 -0.15
CA THR B 192 25.88 -23.54 0.92
C THR B 192 27.16 -22.71 0.87
N PHE B 193 27.04 -21.42 1.16
CA PHE B 193 28.17 -20.50 1.11
C PHE B 193 28.43 -19.98 2.51
N THR B 194 29.44 -20.56 3.16
CA THR B 194 29.82 -20.17 4.52
C THR B 194 31.07 -19.32 4.46
N GLY B 195 31.26 -18.51 5.46
CA GLY B 195 32.49 -17.70 5.51
C GLY B 195 32.27 -16.36 6.13
N HIS B 196 31.03 -15.89 6.08
CA HIS B 196 30.71 -14.62 6.73
C HIS B 196 30.66 -14.83 8.24
N THR B 197 30.70 -13.75 8.99
CA THR B 197 30.63 -13.83 10.46
C THR B 197 29.47 -12.98 10.96
N GLY B 198 28.74 -12.36 10.05
CA GLY B 198 27.58 -11.56 10.40
C GLY B 198 26.40 -11.85 9.52
N ASP B 199 25.25 -11.33 9.89
CA ASP B 199 24.03 -11.58 9.11
C ASP B 199 24.21 -11.05 7.70
N VAL B 200 24.00 -11.91 6.72
CA VAL B 200 24.15 -11.48 5.30
C VAL B 200 22.90 -10.72 4.93
N MET B 201 23.08 -9.49 4.45
CA MET B 201 21.92 -8.61 4.26
C MET B 201 21.51 -8.43 2.81
N SER B 202 22.40 -8.70 1.88
CA SER B 202 22.11 -8.47 0.47
C SER B 202 22.86 -9.41 -0.44
N LEU B 203 22.37 -9.58 -1.65
CA LEU B 203 23.00 -10.41 -2.68
C LEU B 203 22.93 -9.63 -3.99
N SER B 204 23.89 -9.90 -4.84
CA SER B 204 23.89 -9.30 -6.19
C SER B 204 24.48 -10.35 -7.10
N LEU B 205 23.69 -10.88 -8.01
CA LEU B 205 24.20 -11.84 -8.99
C LEU B 205 25.01 -11.13 -10.05
N ALA B 206 25.99 -11.81 -10.60
CA ALA B 206 26.77 -11.25 -11.71
C ALA B 206 25.91 -11.27 -12.95
N PRO B 207 26.15 -10.42 -13.95
CA PRO B 207 25.38 -10.46 -15.17
C PRO B 207 25.44 -11.83 -15.86
N ASP B 208 26.56 -12.53 -15.76
CA ASP B 208 26.70 -13.89 -16.33
C ASP B 208 26.11 -14.96 -15.41
N THR B 209 25.72 -14.59 -14.19
CA THR B 209 25.09 -15.52 -13.23
C THR B 209 26.01 -16.68 -12.87
N ARG B 210 27.31 -16.44 -12.83
CA ARG B 210 28.25 -17.50 -12.38
C ARG B 210 28.90 -17.07 -11.08
N LEU B 211 28.82 -15.78 -10.75
CA LEU B 211 29.36 -15.26 -9.49
C LEU B 211 28.29 -14.46 -8.78
N PHE B 212 28.48 -14.26 -7.50
CA PHE B 212 27.60 -13.36 -6.76
C PHE B 212 28.35 -12.80 -5.57
N VAL B 213 28.05 -11.56 -5.23
CA VAL B 213 28.65 -10.90 -4.06
C VAL B 213 27.61 -10.86 -2.95
N SER B 214 28.07 -10.87 -1.72
CA SER B 214 27.18 -10.82 -0.56
C SER B 214 27.72 -9.81 0.43
N GLY B 215 26.82 -9.09 1.06
CA GLY B 215 27.21 -8.10 2.07
C GLY B 215 26.61 -8.43 3.39
N ALA B 216 27.44 -8.60 4.40
CA ALA B 216 26.92 -9.03 5.70
C ALA B 216 27.21 -8.00 6.78
N CYS B 217 26.80 -8.29 7.99
CA CYS B 217 26.92 -7.36 9.11
C CYS B 217 28.35 -7.24 9.64
N ASP B 218 29.29 -8.03 9.15
CA ASP B 218 30.71 -7.92 9.56
C ASP B 218 31.41 -6.82 8.76
N ALA B 219 30.67 -5.98 8.05
CA ALA B 219 31.21 -4.85 7.27
C ALA B 219 32.09 -5.37 6.14
N SER B 220 31.82 -6.58 5.65
CA SER B 220 32.64 -7.19 4.60
C SER B 220 31.78 -7.67 3.45
N ALA B 221 32.31 -7.62 2.24
CA ALA B 221 31.64 -8.18 1.07
C ALA B 221 32.50 -9.33 0.57
N LYS B 222 31.87 -10.43 0.21
CA LYS B 222 32.58 -11.61 -0.28
C LYS B 222 32.10 -11.95 -1.67
N LEU B 223 33.04 -12.27 -2.56
CA LEU B 223 32.69 -12.72 -3.92
C LEU B 223 32.67 -14.23 -3.90
N TRP B 224 31.60 -14.81 -4.40
CA TRP B 224 31.41 -16.27 -4.35
C TRP B 224 31.38 -16.86 -5.74
N ASP B 225 31.78 -18.12 -5.84
CA ASP B 225 31.65 -18.86 -7.10
C ASP B 225 30.42 -19.75 -6.97
N VAL B 226 29.44 -19.52 -7.81
CA VAL B 226 28.17 -20.28 -7.72
C VAL B 226 28.43 -21.75 -8.00
N ARG B 227 29.19 -22.05 -9.04
CA ARG B 227 29.45 -23.47 -9.38
C ARG B 227 30.37 -24.11 -8.34
N GLU B 228 31.48 -23.45 -8.01
CA GLU B 228 32.44 -24.04 -7.05
C GLU B 228 31.89 -24.08 -5.63
N GLY B 229 31.28 -23.00 -5.18
CA GLY B 229 30.68 -22.96 -3.84
C GLY B 229 31.54 -22.29 -2.79
N MET B 230 32.72 -21.82 -3.18
CA MET B 230 33.65 -21.18 -2.23
C MET B 230 33.86 -19.74 -2.60
N CYS B 231 34.28 -18.92 -1.64
CA CYS B 231 34.51 -17.49 -1.90
C CYS B 231 35.92 -17.26 -2.40
N ARG B 232 36.08 -16.45 -3.44
CA ARG B 232 37.42 -16.21 -4.00
C ARG B 232 38.01 -14.90 -3.51
N GLN B 233 37.16 -13.98 -3.07
CA GLN B 233 37.66 -12.65 -2.68
C GLN B 233 36.88 -12.13 -1.50
N THR B 234 37.50 -11.23 -0.75
CA THR B 234 36.84 -10.60 0.41
C THR B 234 37.16 -9.12 0.43
N PHE B 235 36.16 -8.29 0.67
CA PHE B 235 36.32 -6.83 0.62
C PHE B 235 35.88 -6.26 1.94
N THR B 236 36.74 -5.48 2.58
CA THR B 236 36.46 -5.02 3.96
C THR B 236 36.70 -3.53 4.11
N GLY B 237 36.36 -2.75 3.11
CA GLY B 237 36.53 -1.30 3.24
C GLY B 237 35.62 -0.68 4.28
N HIS B 238 34.40 -1.17 4.43
CA HIS B 238 33.40 -0.47 5.25
C HIS B 238 33.70 -0.53 6.73
N GLU B 239 32.95 0.25 7.50
CA GLU B 239 33.10 0.27 8.97
C GLU B 239 31.87 -0.35 9.65
N SER B 240 30.69 -0.15 9.11
CA SER B 240 29.45 -0.71 9.68
C SER B 240 28.89 -1.77 8.75
N ASP B 241 27.77 -2.34 9.14
CA ASP B 241 27.15 -3.45 8.37
C ASP B 241 26.69 -3.04 6.99
N ILE B 242 26.89 -3.93 6.02
CA ILE B 242 26.53 -3.65 4.61
C ILE B 242 25.08 -4.05 4.37
N ASN B 243 24.27 -3.10 3.94
CA ASN B 243 22.83 -3.36 3.76
C ASN B 243 22.50 -3.57 2.30
N ALA B 244 23.27 -3.00 1.40
CA ALA B 244 23.04 -3.10 -0.04
C ALA B 244 24.27 -3.53 -0.79
N ILE B 245 24.07 -4.24 -1.87
CA ILE B 245 25.18 -4.64 -2.75
C ILE B 245 24.63 -4.74 -4.16
N CYS B 246 25.39 -4.23 -5.13
CA CYS B 246 25.00 -4.33 -6.53
C CYS B 246 26.22 -4.40 -7.41
N PHE B 247 26.21 -5.30 -8.39
CA PHE B 247 27.32 -5.35 -9.35
C PHE B 247 27.27 -4.18 -10.32
N PHE B 248 28.43 -3.77 -10.77
CA PHE B 248 28.52 -2.81 -11.87
C PHE B 248 28.01 -3.55 -13.09
N PRO B 249 27.41 -2.86 -14.07
CA PRO B 249 26.89 -3.53 -15.25
C PRO B 249 27.93 -4.38 -15.98
N ASN B 250 29.21 -4.00 -15.91
CA ASN B 250 30.30 -4.79 -16.57
C ASN B 250 30.39 -6.15 -15.87
N GLY B 251 30.11 -6.18 -14.56
CA GLY B 251 30.22 -7.41 -13.76
C GLY B 251 31.56 -7.50 -13.06
N ASN B 252 32.50 -6.67 -13.43
CA ASN B 252 33.87 -6.72 -12.86
C ASN B 252 33.97 -5.86 -11.60
N ALA B 253 32.97 -5.06 -11.30
CA ALA B 253 32.96 -4.25 -10.08
C ALA B 253 31.60 -4.35 -9.39
N PHE B 254 31.55 -3.89 -8.15
CA PHE B 254 30.27 -3.81 -7.43
C PHE B 254 30.33 -2.69 -6.41
N ALA B 255 29.16 -2.23 -5.99
CA ALA B 255 29.05 -1.15 -5.01
C ALA B 255 28.26 -1.61 -3.82
N THR B 256 28.71 -1.19 -2.64
CA THR B 256 28.05 -1.59 -1.39
C THR B 256 27.51 -0.39 -0.65
N GLY B 257 26.34 -0.57 -0.07
CA GLY B 257 25.77 0.46 0.79
C GLY B 257 25.73 -0.04 2.21
N SER B 258 26.04 0.82 3.16
CA SER B 258 26.12 0.39 4.57
C SER B 258 25.47 1.39 5.50
N ASP B 259 25.27 1.00 6.74
CA ASP B 259 24.77 1.92 7.78
C ASP B 259 25.86 2.94 8.12
N ASP B 260 27.03 2.83 7.52
CA ASP B 260 28.16 3.79 7.71
C ASP B 260 27.87 5.11 6.99
N ALA B 261 26.80 5.20 6.21
CA ALA B 261 26.43 6.39 5.41
C ALA B 261 27.43 6.55 4.28
N THR B 262 28.08 5.48 3.89
CA THR B 262 29.08 5.54 2.82
C THR B 262 28.81 4.47 1.78
N CYS B 263 28.97 4.80 0.52
CA CYS B 263 28.90 3.79 -0.56
C CYS B 263 30.30 3.63 -1.11
N ARG B 264 30.74 2.40 -1.25
CA ARG B 264 32.08 2.12 -1.78
C ARG B 264 31.97 1.41 -3.11
N LEU B 265 33.05 1.42 -3.89
CA LEU B 265 33.11 0.70 -5.16
C LEU B 265 34.32 -0.22 -5.11
N PHE B 266 34.10 -1.50 -5.31
CA PHE B 266 35.18 -2.50 -5.28
C PHE B 266 35.33 -3.13 -6.65
N ASP B 267 36.56 -3.33 -7.07
CA ASP B 267 36.85 -3.97 -8.36
C ASP B 267 37.40 -5.36 -8.11
N LEU B 268 36.75 -6.38 -8.67
CA LEU B 268 37.16 -7.77 -8.37
C LEU B 268 38.57 -8.01 -8.89
N ARG B 269 38.89 -7.55 -10.09
CA ARG B 269 40.22 -7.83 -10.67
C ARG B 269 41.33 -7.15 -9.87
N ALA B 270 41.15 -5.88 -9.51
CA ALA B 270 42.10 -5.20 -8.61
C ALA B 270 41.96 -5.71 -7.18
N ASP B 271 40.79 -6.20 -6.81
CA ASP B 271 40.54 -6.76 -5.46
C ASP B 271 40.78 -5.71 -4.38
N GLN B 272 40.05 -4.60 -4.46
CA GLN B 272 40.06 -3.61 -3.36
C GLN B 272 39.06 -2.51 -3.67
N GLU B 273 38.92 -1.55 -2.76
CA GLU B 273 37.99 -0.42 -2.95
C GLU B 273 38.55 0.55 -4.00
N LEU B 274 37.70 1.01 -4.89
CA LEU B 274 38.12 1.95 -5.94
C LEU B 274 37.69 3.35 -5.51
N MET B 275 36.42 3.54 -5.24
CA MET B 275 35.92 4.90 -4.93
C MET B 275 34.95 4.87 -3.77
N THR B 276 34.89 5.97 -3.02
CA THR B 276 34.01 6.08 -1.84
C THR B 276 33.01 7.19 -2.11
N TYR B 277 31.73 6.87 -1.97
CA TYR B 277 30.66 7.83 -2.24
C TYR B 277 30.03 8.23 -0.91
N SER B 278 30.59 9.25 -0.30
CA SER B 278 30.08 9.75 1.00
C SER B 278 30.06 11.26 1.01
N HIS B 279 29.10 11.84 1.71
CA HIS B 279 29.05 13.30 1.87
C HIS B 279 28.77 13.62 3.32
N ASP B 280 29.17 14.79 3.78
CA ASP B 280 29.04 15.17 5.20
C ASP B 280 27.60 15.39 5.60
N ASN B 281 26.79 15.87 4.68
CA ASN B 281 25.37 16.17 4.99
C ASN B 281 24.60 14.87 5.22
N ILE B 282 25.21 13.72 4.92
CA ILE B 282 24.49 12.42 5.04
C ILE B 282 24.98 11.68 6.28
N ILE B 283 24.08 11.45 7.24
CA ILE B 283 24.41 10.69 8.48
C ILE B 283 23.68 9.34 8.42
N CYS B 284 22.59 9.26 7.67
CA CYS B 284 21.77 8.02 7.55
C CYS B 284 22.46 6.96 6.70
N GLY B 285 22.15 5.69 6.94
CA GLY B 285 22.75 4.60 6.17
C GLY B 285 22.08 4.32 4.87
N ILE B 286 22.66 3.45 4.05
CA ILE B 286 22.11 3.13 2.71
C ILE B 286 21.33 1.84 2.78
N THR B 287 20.08 1.86 2.33
CA THR B 287 19.22 0.67 2.35
C THR B 287 19.26 -0.08 1.04
N SER B 288 19.59 0.59 -0.06
CA SER B 288 19.55 -0.03 -1.39
C SER B 288 20.51 0.67 -2.31
N VAL B 289 21.17 -0.09 -3.16
CA VAL B 289 22.15 0.45 -4.12
C VAL B 289 21.89 -0.17 -5.48
N SER B 290 21.85 0.64 -6.51
CA SER B 290 21.74 0.11 -7.88
C SER B 290 22.53 0.99 -8.82
N PHE B 291 22.93 0.42 -9.94
CA PHE B 291 23.69 1.17 -10.94
C PHE B 291 22.81 1.49 -12.14
N SER B 292 23.15 2.55 -12.84
CA SER B 292 22.46 2.88 -14.09
C SER B 292 22.89 1.85 -15.15
N LYS B 293 22.23 1.84 -16.30
CA LYS B 293 22.49 0.81 -17.31
C LYS B 293 23.94 0.87 -17.77
N SER B 294 24.49 2.06 -17.96
CA SER B 294 25.92 2.18 -18.34
C SER B 294 26.82 2.12 -17.11
N GLY B 295 26.25 2.17 -15.91
CA GLY B 295 27.05 2.20 -14.69
C GLY B 295 27.53 3.56 -14.31
N ARG B 296 27.18 4.59 -15.05
CA ARG B 296 27.70 5.96 -14.77
C ARG B 296 27.08 6.49 -13.50
N LEU B 297 25.82 6.20 -13.28
CA LEU B 297 25.12 6.71 -12.08
C LEU B 297 24.97 5.61 -11.04
N LEU B 298 25.13 5.96 -9.78
CA LEU B 298 24.90 5.01 -8.68
C LEU B 298 23.68 5.51 -7.92
N LEU B 299 22.61 4.74 -7.95
CA LEU B 299 21.37 5.09 -7.27
C LEU B 299 21.41 4.44 -5.90
N ALA B 300 21.45 5.24 -4.85
CA ALA B 300 21.52 4.73 -3.47
C ALA B 300 20.32 5.22 -2.67
N GLY B 301 19.65 4.32 -1.94
CA GLY B 301 18.52 4.72 -1.08
C GLY B 301 19.02 5.20 0.27
N TYR B 302 18.30 6.11 0.92
CA TYR B 302 18.82 6.69 2.19
C TYR B 302 17.70 6.80 3.24
N ASP B 303 18.08 6.92 4.51
CA ASP B 303 17.09 7.01 5.62
C ASP B 303 16.70 8.48 5.85
N ASP B 304 17.25 9.40 5.07
CA ASP B 304 16.89 10.84 5.17
C ASP B 304 15.62 11.08 4.36
N PHE B 305 15.06 10.02 3.74
CA PHE B 305 13.81 10.09 2.95
C PHE B 305 14.10 10.56 1.52
N ASN B 306 15.38 10.76 1.17
CA ASN B 306 15.72 11.14 -0.23
C ASN B 306 16.74 10.18 -0.84
N CYS B 307 16.45 9.63 -2.02
CA CYS B 307 17.44 8.77 -2.73
C CYS B 307 18.52 9.70 -3.30
N ASN B 308 19.75 9.20 -3.49
CA ASN B 308 20.84 10.09 -3.95
C ASN B 308 21.52 9.48 -5.18
N VAL B 309 21.56 10.22 -6.30
CA VAL B 309 22.22 9.76 -7.53
C VAL B 309 23.67 10.21 -7.45
N TRP B 310 24.58 9.28 -7.67
CA TRP B 310 26.02 9.57 -7.55
C TRP B 310 26.69 9.37 -8.90
N ASP B 311 27.63 10.23 -9.22
CA ASP B 311 28.45 10.03 -10.43
C ASP B 311 29.43 8.93 -10.04
N ALA B 312 29.22 7.73 -10.53
CA ALA B 312 30.02 6.57 -10.09
C ALA B 312 31.48 6.74 -10.45
N LEU B 313 31.78 7.55 -11.43
CA LEU B 313 33.19 7.71 -11.86
C LEU B 313 33.85 8.86 -11.09
N LYS B 314 33.10 9.90 -10.75
CA LYS B 314 33.70 11.08 -10.09
C LYS B 314 33.27 11.21 -8.62
N ALA B 315 32.34 10.40 -8.16
CA ALA B 315 31.87 10.43 -6.75
C ALA B 315 31.29 11.77 -6.36
N ASP B 316 30.45 12.31 -7.23
CA ASP B 316 29.76 13.58 -6.92
C ASP B 316 28.26 13.33 -6.94
N ARG B 317 27.53 14.00 -6.06
CA ARG B 317 26.07 13.86 -6.06
C ARG B 317 25.53 14.59 -7.28
N ALA B 318 25.12 13.83 -8.29
CA ALA B 318 24.59 14.40 -9.53
C ALA B 318 23.08 14.63 -9.43
N GLY B 319 22.45 14.15 -8.36
CA GLY B 319 20.99 14.30 -8.27
C GLY B 319 20.40 13.81 -6.97
N VAL B 320 19.19 14.25 -6.64
CA VAL B 320 18.49 13.76 -5.42
C VAL B 320 17.07 13.33 -5.77
N LEU B 321 16.63 12.16 -5.30
CA LEU B 321 15.20 11.77 -5.49
C LEU B 321 14.41 11.89 -4.18
N ALA B 322 14.07 13.12 -3.78
CA ALA B 322 13.30 13.37 -2.53
C ALA B 322 11.79 13.34 -2.77
N GLY B 323 11.22 12.18 -3.11
CA GLY B 323 9.75 12.10 -3.26
C GLY B 323 9.13 11.25 -2.18
N HIS B 324 9.93 10.77 -1.22
CA HIS B 324 9.39 9.83 -0.20
C HIS B 324 9.29 10.52 1.17
N ASP B 325 8.15 10.38 1.85
CA ASP B 325 7.97 10.99 3.19
C ASP B 325 8.55 10.04 4.25
N ASN B 326 8.94 8.83 3.84
CA ASN B 326 9.49 7.82 4.80
C ASN B 326 10.78 7.17 4.30
N ARG B 327 11.44 6.38 5.15
CA ARG B 327 12.75 5.79 4.75
C ARG B 327 12.71 4.97 3.46
N VAL B 328 13.57 5.29 2.49
CA VAL B 328 13.62 4.51 1.22
C VAL B 328 14.20 3.18 1.70
N SER B 329 13.65 2.05 1.25
CA SER B 329 14.13 0.71 1.68
C SER B 329 14.65 -0.05 0.47
N CYS B 330 14.01 0.11 -0.69
CA CYS B 330 14.42 -0.58 -1.91
C CYS B 330 14.38 0.31 -3.13
N LEU B 331 15.28 0.06 -4.05
CA LEU B 331 15.26 0.75 -5.35
C LEU B 331 15.87 -0.16 -6.39
N GLY B 332 15.36 -0.06 -7.60
CA GLY B 332 15.85 -0.89 -8.68
C GLY B 332 15.72 -0.18 -9.99
N VAL B 333 16.64 -0.47 -10.90
CA VAL B 333 16.66 0.14 -12.23
C VAL B 333 16.25 -0.93 -13.21
N THR B 334 15.50 -0.55 -14.21
CA THR B 334 15.06 -1.49 -15.24
C THR B 334 16.22 -2.01 -16.05
N ASP B 335 16.06 -3.17 -16.63
CA ASP B 335 17.08 -3.74 -17.54
C ASP B 335 17.22 -2.84 -18.76
N ASP B 336 16.11 -2.26 -19.23
CA ASP B 336 16.19 -1.29 -20.34
C ASP B 336 16.96 -0.04 -19.92
N GLY B 337 17.05 0.23 -18.62
CA GLY B 337 17.69 1.45 -18.13
C GLY B 337 16.74 2.61 -18.21
N MET B 338 15.49 2.37 -18.56
CA MET B 338 14.57 3.49 -18.79
C MET B 338 14.26 4.21 -17.49
N ALA B 339 13.91 3.48 -16.45
CA ALA B 339 13.46 4.14 -15.22
C ALA B 339 14.02 3.48 -13.99
N VAL B 340 14.05 4.23 -12.91
CA VAL B 340 14.45 3.71 -11.58
C VAL B 340 13.21 3.73 -10.71
N ALA B 341 12.91 2.61 -10.07
CA ALA B 341 11.77 2.49 -9.16
C ALA B 341 12.27 2.41 -7.76
N THR B 342 11.70 3.22 -6.89
CA THR B 342 12.08 3.23 -5.47
C THR B 342 10.87 2.89 -4.62
N GLY B 343 11.04 1.93 -3.74
CA GLY B 343 10.01 1.60 -2.75
C GLY B 343 10.40 2.16 -1.42
N SER B 344 9.39 2.49 -0.62
CA SER B 344 9.67 3.13 0.67
C SER B 344 8.74 2.64 1.75
N TRP B 345 9.09 2.95 2.99
CA TRP B 345 8.28 2.55 4.15
C TRP B 345 7.00 3.34 4.26
N ASP B 346 6.82 4.38 3.47
CA ASP B 346 5.56 5.14 3.42
C ASP B 346 4.50 4.37 2.65
N SER B 347 4.79 3.16 2.18
CA SER B 347 3.83 2.25 1.51
C SER B 347 3.68 2.57 0.05
N PHE B 348 4.47 3.50 -0.47
CA PHE B 348 4.31 3.94 -1.87
C PHE B 348 5.55 3.58 -2.66
N LEU B 349 5.34 3.20 -3.90
CA LEU B 349 6.44 2.84 -4.80
C LEU B 349 6.35 3.79 -5.99
N LYS B 350 7.44 4.44 -6.32
CA LYS B 350 7.45 5.47 -7.35
C LYS B 350 8.41 5.10 -8.48
N ILE B 351 8.05 5.49 -9.68
CA ILE B 351 8.89 5.24 -10.87
C ILE B 351 9.47 6.58 -11.31
N TRP B 352 10.77 6.69 -11.35
CA TRP B 352 11.46 7.96 -11.67
C TRP B 352 12.13 7.88 -13.01
N ASN B 353 11.96 8.90 -13.83
CA ASN B 353 12.58 8.95 -15.17
C ASN B 353 13.23 10.31 -15.43
N ILE C 8 40.77 -26.13 17.49
CA ILE C 8 40.12 -24.90 16.93
C ILE C 8 40.24 -24.92 15.41
N ALA C 9 39.14 -25.24 14.73
CA ALA C 9 39.14 -25.29 13.25
C ALA C 9 38.93 -23.90 12.65
N GLN C 10 38.50 -22.93 13.46
CA GLN C 10 38.20 -21.59 12.90
C GLN C 10 39.50 -21.02 12.30
N ALA C 11 40.60 -21.14 13.03
CA ALA C 11 41.88 -20.59 12.52
C ALA C 11 42.34 -21.38 11.30
N ARG C 12 42.24 -22.70 11.35
CA ARG C 12 42.77 -23.53 10.23
C ARG C 12 42.00 -23.26 8.94
N LYS C 13 40.69 -23.01 9.04
CA LYS C 13 39.91 -22.66 7.84
C LYS C 13 40.10 -21.20 7.42
N LEU C 14 40.20 -20.29 8.37
CA LEU C 14 40.34 -18.85 8.03
C LEU C 14 41.69 -18.62 7.35
N VAL C 15 42.74 -19.26 7.85
CA VAL C 15 44.07 -19.14 7.20
C VAL C 15 44.01 -19.75 5.79
N GLU C 16 43.28 -20.84 5.63
CA GLU C 16 43.15 -21.48 4.30
C GLU C 16 42.43 -20.52 3.35
N GLN C 17 41.37 -19.89 3.82
CA GLN C 17 40.66 -18.92 2.97
C GLN C 17 41.56 -17.72 2.66
N LEU C 18 42.31 -17.24 3.63
CA LEU C 18 43.21 -16.10 3.37
C LEU C 18 44.27 -16.50 2.35
N LYS C 19 44.78 -17.73 2.45
CA LYS C 19 45.79 -18.19 1.47
C LYS C 19 45.18 -18.24 0.06
N MET C 20 43.96 -18.76 -0.05
CA MET C 20 43.29 -18.80 -1.37
C MET C 20 43.07 -17.38 -1.90
N GLU C 21 42.68 -16.45 -1.03
CA GLU C 21 42.42 -15.06 -1.46
C GLU C 21 43.73 -14.37 -1.83
N ALA C 22 44.84 -14.76 -1.20
CA ALA C 22 46.15 -14.17 -1.54
C ALA C 22 46.58 -14.55 -2.96
N ASN C 23 46.24 -15.77 -3.39
CA ASN C 23 46.63 -16.25 -4.73
C ASN C 23 45.65 -15.71 -5.77
N ILE C 24 45.63 -14.40 -5.92
CA ILE C 24 44.78 -13.76 -6.95
C ILE C 24 45.70 -12.95 -7.87
N ASP C 25 45.52 -13.08 -9.18
CA ASP C 25 46.37 -12.33 -10.14
C ASP C 25 45.81 -10.91 -10.21
N ARG C 26 46.05 -10.15 -9.15
CA ARG C 26 45.44 -8.82 -9.05
C ARG C 26 45.92 -7.90 -10.17
N ILE C 27 45.05 -7.02 -10.61
CA ILE C 27 45.38 -6.04 -11.68
C ILE C 27 45.53 -4.66 -11.05
N LYS C 28 46.43 -3.87 -11.59
CA LYS C 28 46.66 -2.52 -11.03
C LYS C 28 45.38 -1.71 -11.14
N VAL C 29 45.18 -0.81 -10.18
CA VAL C 29 43.92 -0.03 -10.14
C VAL C 29 43.80 0.82 -11.40
N SER C 30 44.92 1.34 -11.91
CA SER C 30 44.85 2.24 -13.08
C SER C 30 44.19 1.55 -14.27
N LYS C 31 44.59 0.31 -14.57
CA LYS C 31 43.92 -0.42 -15.67
C LYS C 31 42.53 -0.84 -15.22
N ALA C 32 42.40 -1.18 -13.95
CA ALA C 32 41.09 -1.58 -13.40
C ALA C 32 40.13 -0.40 -13.28
N ALA C 33 40.61 0.81 -13.05
CA ALA C 33 39.74 2.00 -13.03
C ALA C 33 39.43 2.51 -14.43
N ALA C 34 40.40 2.47 -15.33
CA ALA C 34 40.21 2.94 -16.73
C ALA C 34 39.32 1.97 -17.49
N ASP C 35 39.15 0.74 -17.00
CA ASP C 35 38.23 -0.22 -17.65
C ASP C 35 36.79 -0.01 -17.18
N LEU C 36 36.56 0.76 -16.13
CA LEU C 36 35.19 1.11 -15.71
C LEU C 36 34.71 2.33 -16.47
N MET C 37 35.57 3.31 -16.71
CA MET C 37 35.20 4.47 -17.55
C MET C 37 35.15 4.05 -19.01
N ALA C 38 35.87 3.02 -19.41
CA ALA C 38 35.75 2.51 -20.79
C ALA C 38 34.35 1.94 -21.01
N TYR C 39 33.82 1.20 -20.04
CA TYR C 39 32.44 0.67 -20.14
C TYR C 39 31.41 1.78 -20.08
N CYS C 40 31.65 2.79 -19.25
CA CYS C 40 30.65 3.87 -19.08
C CYS C 40 30.46 4.67 -20.37
N GLU C 41 31.53 5.05 -21.03
CA GLU C 41 31.42 5.80 -22.32
C GLU C 41 30.92 4.90 -23.44
N ALA C 42 31.30 3.63 -23.43
CA ALA C 42 30.89 2.70 -24.49
C ALA C 42 29.39 2.43 -24.40
N HIS C 43 28.74 2.77 -23.29
CA HIS C 43 27.28 2.58 -23.17
C HIS C 43 26.59 3.87 -22.70
N ALA C 44 27.29 5.00 -22.70
CA ALA C 44 26.71 6.27 -22.23
C ALA C 44 25.51 6.66 -23.09
N LYS C 45 25.57 6.38 -24.39
CA LYS C 45 24.46 6.70 -25.30
C LYS C 45 23.23 5.87 -24.95
N GLU C 46 23.42 4.61 -24.59
CA GLU C 46 22.29 3.69 -24.30
C GLU C 46 21.87 3.80 -22.83
N ASP C 47 22.30 4.84 -22.12
CA ASP C 47 21.84 5.05 -20.73
C ASP C 47 20.72 6.09 -20.69
N PRO C 48 19.46 5.68 -20.58
CA PRO C 48 18.35 6.61 -20.50
C PRO C 48 18.25 7.46 -19.23
N LEU C 49 18.77 6.99 -18.12
CA LEU C 49 18.72 7.73 -16.84
C LEU C 49 19.77 8.83 -16.85
N LEU C 50 20.80 8.70 -17.66
CA LEU C 50 21.90 9.69 -17.69
C LEU C 50 21.43 10.98 -18.33
N THR C 51 20.59 10.88 -19.34
CA THR C 51 20.12 12.07 -20.08
C THR C 51 18.60 12.00 -20.27
N PRO C 52 17.88 13.12 -20.26
CA PRO C 52 16.44 13.08 -20.45
C PRO C 52 16.11 12.77 -21.93
N VAL C 53 15.59 11.57 -22.16
CA VAL C 53 15.28 11.13 -23.55
C VAL C 53 14.01 11.83 -24.00
N PRO C 54 13.78 11.99 -25.32
CA PRO C 54 12.53 12.59 -25.78
C PRO C 54 11.28 11.87 -25.29
N ALA C 55 10.23 12.63 -25.03
CA ALA C 55 8.99 12.07 -24.44
C ALA C 55 8.31 11.06 -25.36
N SER C 56 8.66 11.05 -26.64
CA SER C 56 8.07 10.07 -27.60
C SER C 56 8.82 8.74 -27.56
N GLU C 57 9.93 8.68 -26.83
CA GLU C 57 10.69 7.40 -26.70
C GLU C 57 10.67 6.95 -25.24
N ASN C 58 10.02 7.71 -24.37
CA ASN C 58 9.99 7.37 -22.94
C ASN C 58 8.68 6.63 -22.67
N PRO C 59 8.69 5.38 -22.17
CA PRO C 59 7.47 4.67 -21.92
C PRO C 59 6.59 5.31 -20.86
N PHE C 60 7.17 6.18 -20.03
CA PHE C 60 6.41 6.86 -18.95
C PHE C 60 6.11 8.30 -19.35
N ARG C 61 4.90 8.74 -19.03
CA ARG C 61 4.43 10.07 -19.48
C ARG C 61 5.30 11.19 -18.90
N VAL D 1 -8.38 -27.92 -15.89
CA VAL D 1 -9.41 -26.91 -16.27
C VAL D 1 -10.45 -27.61 -17.10
N GLN D 2 -11.70 -27.52 -16.68
CA GLN D 2 -12.82 -28.11 -17.43
C GLN D 2 -13.98 -27.13 -17.48
N LEU D 3 -14.52 -26.91 -18.67
CA LEU D 3 -15.72 -26.07 -18.82
C LEU D 3 -16.78 -26.95 -19.44
N VAL D 4 -17.83 -27.23 -18.69
CA VAL D 4 -18.90 -28.15 -19.18
C VAL D 4 -20.19 -27.36 -19.29
N GLU D 5 -20.72 -27.28 -20.50
CA GLU D 5 -21.99 -26.57 -20.72
C GLU D 5 -23.14 -27.55 -20.59
N SER D 6 -24.30 -27.01 -20.25
CA SER D 6 -25.52 -27.86 -20.12
C SER D 6 -26.74 -26.96 -20.32
N GLY D 7 -27.89 -27.58 -20.56
CA GLY D 7 -29.10 -26.79 -20.79
C GLY D 7 -29.52 -26.71 -22.23
N GLY D 8 -28.89 -27.48 -23.09
CA GLY D 8 -29.23 -27.44 -24.52
C GLY D 8 -30.29 -28.45 -24.88
N GLY D 9 -31.14 -28.09 -25.84
CA GLY D 9 -32.17 -29.00 -26.32
C GLY D 9 -33.03 -28.34 -27.37
N LEU D 10 -34.02 -29.05 -27.89
CA LEU D 10 -34.93 -28.47 -28.89
C LEU D 10 -35.96 -27.58 -28.20
N VAL D 11 -36.18 -26.40 -28.76
CA VAL D 11 -37.15 -25.45 -28.16
C VAL D 11 -38.05 -24.91 -29.27
N GLN D 12 -39.33 -24.72 -28.98
CA GLN D 12 -40.23 -24.11 -29.98
C GLN D 12 -39.83 -22.66 -30.21
N PRO D 13 -40.05 -22.09 -31.40
CA PRO D 13 -39.55 -20.75 -31.67
C PRO D 13 -40.35 -19.71 -30.87
N GLY D 14 -39.68 -19.09 -29.90
CA GLY D 14 -40.32 -18.08 -29.06
C GLY D 14 -40.25 -18.45 -27.60
N GLY D 15 -39.79 -19.66 -27.31
CA GLY D 15 -39.74 -20.13 -25.93
C GLY D 15 -38.54 -19.56 -25.20
N SER D 16 -38.18 -20.18 -24.08
CA SER D 16 -37.07 -19.64 -23.26
C SER D 16 -36.23 -20.79 -22.75
N ARG D 17 -34.92 -20.59 -22.67
CA ARG D 17 -34.02 -21.63 -22.13
C ARG D 17 -32.89 -20.96 -21.38
N LYS D 18 -32.37 -21.66 -20.38
CA LYS D 18 -31.20 -21.13 -19.64
C LYS D 18 -30.03 -22.10 -19.79
N LEU D 19 -28.89 -21.58 -20.23
CA LEU D 19 -27.69 -22.41 -20.40
C LEU D 19 -26.82 -22.34 -19.15
N SER D 20 -26.24 -23.47 -18.78
CA SER D 20 -25.35 -23.54 -17.61
C SER D 20 -23.93 -23.90 -18.06
N CYS D 21 -22.94 -23.37 -17.33
CA CYS D 21 -21.53 -23.66 -17.64
C CYS D 21 -20.84 -24.08 -16.36
N SER D 22 -20.83 -25.39 -16.09
CA SER D 22 -20.24 -25.90 -14.84
C SER D 22 -18.73 -25.85 -14.99
N ALA D 23 -18.09 -24.87 -14.35
CA ALA D 23 -16.64 -24.67 -14.49
C ALA D 23 -15.92 -25.22 -13.29
N SER D 24 -15.00 -26.13 -13.53
CA SER D 24 -14.21 -26.74 -12.45
C SER D 24 -12.73 -26.78 -12.84
N GLY D 25 -11.86 -26.76 -11.85
CA GLY D 25 -10.42 -26.89 -12.10
C GLY D 25 -9.69 -25.59 -12.26
N PHE D 26 -10.37 -24.47 -12.06
CA PHE D 26 -9.69 -23.16 -12.16
C PHE D 26 -10.42 -22.12 -11.33
N ALA D 27 -9.77 -20.98 -11.13
CA ALA D 27 -10.34 -19.89 -10.31
C ALA D 27 -11.38 -19.17 -11.14
N PHE D 28 -12.63 -19.61 -11.05
CA PHE D 28 -13.70 -19.05 -11.90
C PHE D 28 -13.92 -17.57 -11.62
N SER D 29 -13.85 -17.15 -10.37
CA SER D 29 -14.16 -15.76 -10.01
C SER D 29 -13.18 -14.79 -10.62
N SER D 30 -11.97 -15.23 -10.94
CA SER D 30 -10.91 -14.36 -11.48
C SER D 30 -10.90 -14.37 -13.00
N PHE D 31 -11.81 -15.11 -13.61
CA PHE D 31 -11.84 -15.19 -15.08
C PHE D 31 -13.06 -14.54 -15.67
N GLY D 32 -12.85 -13.64 -16.61
CA GLY D 32 -13.97 -13.15 -17.41
C GLY D 32 -14.44 -14.28 -18.29
N MET D 33 -15.74 -14.37 -18.51
CA MET D 33 -16.30 -15.52 -19.23
C MET D 33 -17.09 -15.07 -20.43
N HIS D 34 -17.00 -15.85 -21.51
CA HIS D 34 -17.67 -15.52 -22.76
C HIS D 34 -18.58 -16.64 -23.21
N TRP D 35 -19.59 -16.29 -23.98
CA TRP D 35 -20.41 -17.31 -24.66
C TRP D 35 -20.19 -17.07 -26.14
N VAL D 36 -19.69 -18.09 -26.84
CA VAL D 36 -19.45 -17.98 -28.29
C VAL D 36 -20.22 -19.11 -28.94
N ARG D 37 -21.15 -18.77 -29.81
CA ARG D 37 -22.00 -19.80 -30.42
C ARG D 37 -21.55 -20.08 -31.83
N GLN D 38 -21.86 -21.27 -32.30
CA GLN D 38 -21.49 -21.68 -33.66
C GLN D 38 -22.72 -22.25 -34.35
N ALA D 39 -23.26 -21.48 -35.28
CA ALA D 39 -24.42 -21.94 -36.06
C ALA D 39 -23.99 -23.20 -36.79
N PRO D 40 -24.89 -24.15 -37.03
CA PRO D 40 -24.48 -25.44 -37.54
C PRO D 40 -23.87 -25.31 -38.93
N GLU D 41 -22.75 -26.00 -39.15
CA GLU D 41 -22.04 -25.94 -40.45
C GLU D 41 -21.76 -24.49 -40.81
N LYS D 42 -21.40 -23.69 -39.81
CA LYS D 42 -21.13 -22.25 -40.03
C LYS D 42 -20.05 -21.81 -39.07
N GLY D 43 -19.79 -20.50 -39.03
CA GLY D 43 -18.69 -19.98 -38.20
C GLY D 43 -19.04 -19.55 -36.79
N LEU D 44 -18.02 -19.20 -36.03
CA LEU D 44 -18.21 -18.79 -34.63
C LEU D 44 -18.75 -17.38 -34.54
N GLU D 45 -19.64 -17.14 -33.59
CA GLU D 45 -20.16 -15.78 -33.33
C GLU D 45 -20.16 -15.52 -31.83
N TRP D 46 -19.62 -14.38 -31.42
CA TRP D 46 -19.59 -14.03 -29.98
C TRP D 46 -20.92 -13.42 -29.57
N VAL D 47 -21.50 -13.90 -28.47
CA VAL D 47 -22.85 -13.44 -28.07
C VAL D 47 -22.84 -12.66 -26.76
N ALA D 48 -22.01 -13.04 -25.82
CA ALA D 48 -22.11 -12.40 -24.50
C ALA D 48 -20.80 -12.49 -23.73
N TYR D 49 -20.65 -11.63 -22.74
CA TYR D 49 -19.42 -11.60 -21.92
C TYR D 49 -19.69 -11.04 -20.54
N ILE D 50 -19.11 -11.64 -19.51
CA ILE D 50 -19.13 -11.08 -18.15
C ILE D 50 -17.69 -10.91 -17.69
N SER D 51 -17.37 -9.76 -17.15
CA SER D 51 -16.03 -9.55 -16.59
C SER D 51 -15.89 -10.28 -15.26
N SER D 52 -14.67 -10.44 -14.81
CA SER D 52 -14.43 -10.97 -13.45
C SER D 52 -14.98 -9.94 -12.46
N GLY D 53 -15.81 -10.37 -11.53
CA GLY D 53 -16.48 -9.41 -10.63
C GLY D 53 -17.84 -9.01 -11.15
N SER D 54 -18.22 -9.40 -12.34
CA SER D 54 -19.56 -9.16 -12.95
C SER D 54 -19.78 -7.68 -13.28
N GLY D 55 -18.78 -6.84 -13.13
CA GLY D 55 -19.01 -5.40 -13.32
C GLY D 55 -19.32 -5.04 -14.74
N THR D 56 -18.64 -5.65 -15.70
CA THR D 56 -18.79 -5.28 -17.12
C THR D 56 -19.46 -6.42 -17.87
N ILE D 57 -20.55 -6.09 -18.55
CA ILE D 57 -21.27 -7.08 -19.38
C ILE D 57 -21.47 -6.51 -20.78
N TYR D 58 -21.18 -7.29 -21.80
CA TYR D 58 -21.45 -6.87 -23.19
C TYR D 58 -22.23 -7.99 -23.88
N TYR D 59 -23.08 -7.58 -24.82
CA TYR D 59 -23.87 -8.56 -25.59
C TYR D 59 -23.73 -8.29 -27.08
N ALA D 60 -23.89 -9.34 -27.87
CA ALA D 60 -23.91 -9.17 -29.34
C ALA D 60 -25.17 -8.39 -29.68
N ASP D 61 -25.10 -7.59 -30.73
CA ASP D 61 -26.26 -6.76 -31.13
C ASP D 61 -27.42 -7.67 -31.52
N THR D 62 -27.11 -8.84 -32.05
CA THR D 62 -28.19 -9.79 -32.43
C THR D 62 -28.96 -10.26 -31.20
N VAL D 63 -28.27 -10.51 -30.10
CA VAL D 63 -28.92 -11.08 -28.90
C VAL D 63 -29.12 -10.05 -27.80
N LYS D 64 -28.72 -8.81 -28.01
CA LYS D 64 -28.80 -7.82 -26.92
C LYS D 64 -30.23 -7.59 -26.54
N GLY D 65 -30.51 -7.48 -25.25
CA GLY D 65 -31.89 -7.27 -24.77
C GLY D 65 -32.65 -8.55 -24.47
N ARG D 66 -32.66 -9.50 -25.38
CA ARG D 66 -33.38 -10.78 -25.17
C ARG D 66 -32.49 -11.89 -24.62
N PHE D 67 -31.18 -11.66 -24.55
CA PHE D 67 -30.26 -12.66 -23.92
C PHE D 67 -29.70 -12.05 -22.66
N THR D 68 -29.63 -12.85 -21.61
CA THR D 68 -29.11 -12.38 -20.31
C THR D 68 -28.00 -13.31 -19.86
N ILE D 69 -26.87 -12.74 -19.48
CA ILE D 69 -25.71 -13.54 -19.01
C ILE D 69 -25.45 -13.22 -17.55
N SER D 70 -25.30 -14.26 -16.74
CA SER D 70 -25.04 -14.11 -15.31
C SER D 70 -24.10 -15.21 -14.85
N ARG D 71 -23.40 -14.96 -13.76
CA ARG D 71 -22.49 -15.97 -13.20
C ARG D 71 -22.69 -16.07 -11.71
N ASP D 72 -22.39 -17.25 -11.17
CA ASP D 72 -22.42 -17.43 -9.70
C ASP D 72 -21.03 -17.90 -9.30
N ASP D 73 -20.21 -16.99 -8.84
CA ASP D 73 -18.81 -17.35 -8.50
C ASP D 73 -18.73 -18.41 -7.40
N PRO D 74 -19.48 -18.36 -6.28
CA PRO D 74 -19.41 -19.45 -5.31
C PRO D 74 -19.81 -20.81 -5.90
N LYS D 75 -20.78 -20.81 -6.79
CA LYS D 75 -21.24 -22.07 -7.43
C LYS D 75 -20.36 -22.43 -8.62
N ASN D 76 -19.45 -21.55 -9.05
CA ASN D 76 -18.51 -21.86 -10.15
C ASN D 76 -19.26 -22.22 -11.42
N THR D 77 -20.29 -21.45 -11.72
CA THR D 77 -21.07 -21.70 -12.96
C THR D 77 -21.38 -20.40 -13.69
N LEU D 78 -21.51 -20.49 -14.99
CA LEU D 78 -21.91 -19.34 -15.83
C LEU D 78 -23.28 -19.62 -16.43
N PHE D 79 -24.13 -18.61 -16.43
CA PHE D 79 -25.51 -18.77 -16.91
C PHE D 79 -25.79 -17.87 -18.11
N LEU D 80 -26.49 -18.44 -19.10
CA LEU D 80 -26.98 -17.61 -20.22
C LEU D 80 -28.49 -17.80 -20.25
N GLN D 81 -29.23 -16.77 -19.86
CA GLN D 81 -30.69 -16.82 -19.84
C GLN D 81 -31.18 -16.35 -21.20
N MET D 82 -31.88 -17.22 -21.90
CA MET D 82 -32.34 -16.90 -23.26
C MET D 82 -33.85 -16.77 -23.30
N THR D 83 -34.35 -15.65 -23.80
CA THR D 83 -35.79 -15.42 -23.95
C THR D 83 -36.04 -14.90 -25.36
N SER D 84 -37.28 -15.02 -25.82
CA SER D 84 -37.65 -14.55 -27.19
C SER D 84 -36.79 -15.26 -28.24
N LEU D 85 -36.56 -16.54 -28.06
CA LEU D 85 -35.68 -17.29 -28.99
C LEU D 85 -36.27 -17.30 -30.38
N ARG D 86 -35.40 -17.20 -31.38
CA ARG D 86 -35.83 -17.22 -32.79
C ARG D 86 -35.17 -18.40 -33.47
N SER D 87 -35.42 -18.53 -34.77
CA SER D 87 -34.91 -19.70 -35.54
C SER D 87 -33.42 -19.63 -35.85
N GLU D 88 -32.82 -18.45 -35.74
CA GLU D 88 -31.38 -18.29 -36.09
C GLU D 88 -30.52 -18.33 -34.83
N ASP D 89 -31.11 -18.67 -33.70
CA ASP D 89 -30.34 -18.84 -32.44
C ASP D 89 -29.97 -20.29 -32.24
N THR D 90 -30.25 -21.15 -33.21
CA THR D 90 -29.92 -22.58 -33.09
C THR D 90 -28.44 -22.73 -33.37
N ALA D 91 -27.67 -23.07 -32.35
CA ALA D 91 -26.21 -23.15 -32.49
C ALA D 91 -25.62 -23.92 -31.32
N MET D 92 -24.36 -24.30 -31.46
CA MET D 92 -23.65 -24.93 -30.33
C MET D 92 -22.98 -23.81 -29.55
N TYR D 93 -23.41 -23.63 -28.31
CA TYR D 93 -22.91 -22.50 -27.51
C TYR D 93 -21.70 -22.95 -26.71
N TYR D 94 -20.58 -22.28 -26.90
CA TYR D 94 -19.33 -22.63 -26.22
C TYR D 94 -19.11 -21.68 -25.08
N CYS D 95 -18.65 -22.21 -23.96
CA CYS D 95 -18.33 -21.38 -22.78
C CYS D 95 -16.83 -21.17 -22.80
N VAL D 96 -16.42 -19.92 -22.81
CA VAL D 96 -15.00 -19.57 -22.95
C VAL D 96 -14.54 -18.71 -21.78
N ARG D 97 -13.38 -19.04 -21.24
CA ARG D 97 -12.81 -18.24 -20.15
C ARG D 97 -11.79 -17.29 -20.74
N SER D 98 -11.64 -16.13 -20.13
CA SER D 98 -10.67 -15.14 -20.58
C SER D 98 -10.22 -14.30 -19.40
N ILE D 99 -8.93 -14.21 -19.20
CA ILE D 99 -8.36 -13.44 -18.07
C ILE D 99 -7.60 -12.27 -18.66
N TYR D 100 -7.87 -11.09 -18.15
CA TYR D 100 -7.30 -9.87 -18.72
C TYR D 100 -6.31 -9.19 -17.80
N TYR D 101 -5.03 -9.30 -18.13
CA TYR D 101 -3.97 -8.55 -17.44
C TYR D 101 -2.84 -8.46 -18.43
N TYR D 102 -1.76 -7.78 -18.07
CA TYR D 102 -0.61 -7.68 -18.97
C TYR D 102 0.01 -9.04 -19.18
N GLY D 103 0.08 -9.48 -20.42
CA GLY D 103 0.73 -10.75 -20.75
C GLY D 103 -0.18 -11.95 -20.71
N SER D 104 -1.45 -11.74 -20.46
CA SER D 104 -2.39 -12.88 -20.34
C SER D 104 -2.75 -13.45 -21.70
N SER D 105 -3.39 -14.62 -21.69
CA SER D 105 -3.88 -15.26 -22.94
C SER D 105 -5.37 -15.43 -22.80
N PRO D 106 -6.19 -14.42 -23.16
CA PRO D 106 -7.61 -14.60 -23.12
C PRO D 106 -8.12 -15.61 -24.14
N PHE D 107 -9.29 -16.19 -23.89
CA PHE D 107 -9.93 -17.18 -24.77
C PHE D 107 -9.12 -18.45 -24.81
N ASP D 108 -8.35 -18.72 -23.78
CA ASP D 108 -7.42 -19.87 -23.79
C ASP D 108 -8.17 -21.19 -23.76
N PHE D 109 -9.21 -21.27 -22.96
CA PHE D 109 -9.93 -22.55 -22.80
C PHE D 109 -11.38 -22.42 -23.23
N TRP D 110 -11.82 -23.34 -24.07
CA TRP D 110 -13.19 -23.36 -24.58
C TRP D 110 -13.90 -24.57 -24.03
N GLY D 111 -15.15 -24.42 -23.72
CA GLY D 111 -15.92 -25.56 -23.24
C GLY D 111 -16.34 -26.49 -24.37
N GLN D 112 -16.97 -27.59 -24.01
CA GLN D 112 -17.42 -28.57 -25.02
C GLN D 112 -18.57 -28.04 -25.85
N GLY D 113 -19.53 -27.38 -25.22
CA GLY D 113 -20.66 -26.81 -25.93
C GLY D 113 -21.94 -27.59 -25.82
N THR D 114 -23.06 -26.92 -26.04
CA THR D 114 -24.38 -27.59 -26.06
C THR D 114 -25.19 -27.12 -27.26
N THR D 115 -26.00 -28.00 -27.81
CA THR D 115 -26.72 -27.68 -29.05
C THR D 115 -28.15 -27.26 -28.82
N LEU D 116 -28.54 -26.09 -29.33
CA LEU D 116 -29.97 -25.72 -29.36
C LEU D 116 -30.48 -26.09 -30.75
N THR D 117 -31.74 -26.52 -30.82
CA THR D 117 -32.32 -26.91 -32.12
C THR D 117 -33.67 -26.23 -32.24
N VAL D 118 -33.69 -24.91 -32.09
CA VAL D 118 -34.98 -24.19 -32.11
C VAL D 118 -35.63 -24.41 -33.47
N SER D 119 -36.85 -24.94 -33.47
CA SER D 119 -37.50 -25.31 -34.76
C SER D 119 -38.01 -24.04 -35.43
N SER D 136 -18.30 0.88 -36.88
CA SER D 136 -19.24 -0.25 -36.75
C SER D 136 -18.43 -1.49 -36.35
N ASP D 137 -18.97 -2.66 -36.66
CA ASP D 137 -18.26 -3.91 -36.33
C ASP D 137 -16.95 -4.00 -37.11
N ILE D 138 -15.93 -4.55 -36.48
CA ILE D 138 -14.62 -4.73 -37.17
C ILE D 138 -14.74 -6.01 -37.95
N VAL D 139 -15.23 -5.90 -39.17
CA VAL D 139 -15.48 -7.12 -39.98
C VAL D 139 -14.18 -7.84 -40.24
N MET D 140 -14.18 -9.15 -39.99
CA MET D 140 -12.96 -9.96 -40.18
C MET D 140 -13.27 -10.92 -41.30
N THR D 141 -12.46 -10.87 -42.36
CA THR D 141 -12.74 -11.70 -43.54
C THR D 141 -11.59 -12.66 -43.82
N GLN D 142 -11.88 -13.95 -43.88
CA GLN D 142 -10.86 -14.93 -44.28
C GLN D 142 -10.97 -15.04 -45.80
N ALA D 143 -9.86 -14.82 -46.50
CA ALA D 143 -9.93 -14.77 -47.98
C ALA D 143 -10.41 -16.10 -48.53
N THR D 144 -9.89 -17.20 -47.99
CA THR D 144 -10.28 -18.54 -48.48
C THR D 144 -11.15 -19.24 -47.45
N SER D 145 -11.86 -20.28 -47.88
CA SER D 145 -12.67 -21.08 -46.94
C SER D 145 -12.19 -22.53 -46.92
N SER D 146 -11.55 -22.99 -48.01
CA SER D 146 -10.97 -24.35 -48.02
C SER D 146 -9.57 -24.28 -48.61
N VAL D 147 -8.64 -25.04 -48.04
CA VAL D 147 -7.24 -25.03 -48.56
C VAL D 147 -6.74 -26.47 -48.63
N PRO D 148 -6.57 -27.05 -49.84
CA PRO D 148 -6.02 -28.40 -49.94
C PRO D 148 -4.54 -28.39 -49.56
N VAL D 149 -4.19 -29.26 -48.62
CA VAL D 149 -2.78 -29.31 -48.13
C VAL D 149 -2.37 -30.76 -47.91
N THR D 150 -1.06 -30.98 -47.93
CA THR D 150 -0.51 -32.34 -47.69
C THR D 150 0.17 -32.33 -46.33
N PRO D 151 0.34 -33.50 -45.69
CA PRO D 151 0.95 -33.56 -44.37
C PRO D 151 2.42 -33.10 -44.32
N GLY D 152 2.99 -32.68 -45.43
CA GLY D 152 4.36 -32.14 -45.34
C GLY D 152 4.45 -30.66 -45.68
N GLU D 153 3.39 -30.10 -46.24
CA GLU D 153 3.47 -28.70 -46.74
C GLU D 153 3.44 -27.69 -45.59
N SER D 154 3.69 -26.42 -45.95
CA SER D 154 3.64 -25.33 -44.94
C SER D 154 2.57 -24.32 -45.36
N VAL D 155 1.35 -24.52 -44.89
CA VAL D 155 0.25 -23.59 -45.27
C VAL D 155 0.38 -22.27 -44.54
N SER D 156 -0.02 -21.18 -45.19
CA SER D 156 -0.02 -19.85 -44.54
C SER D 156 -1.44 -19.30 -44.65
N ILE D 157 -2.23 -19.51 -43.60
CA ILE D 157 -3.64 -19.04 -43.62
C ILE D 157 -3.68 -17.52 -43.53
N SER D 158 -4.59 -16.92 -44.28
CA SER D 158 -4.63 -15.43 -44.35
C SER D 158 -5.81 -14.91 -43.58
N CYS D 159 -5.75 -13.63 -43.23
CA CYS D 159 -6.87 -12.99 -42.51
C CYS D 159 -6.87 -11.51 -42.86
N ARG D 160 -8.06 -10.92 -42.89
CA ARG D 160 -8.18 -9.50 -43.25
C ARG D 160 -9.07 -8.78 -42.24
N SER D 161 -8.65 -7.59 -41.83
CA SER D 161 -9.41 -6.80 -40.84
C SER D 161 -9.93 -5.52 -41.48
N SER D 162 -11.20 -5.24 -41.29
CA SER D 162 -11.80 -3.99 -41.82
C SER D 162 -11.18 -2.76 -41.19
N LYS D 163 -10.93 -2.80 -39.89
CA LYS D 163 -10.32 -1.68 -39.14
C LYS D 163 -8.96 -2.15 -38.60
N SER D 164 -7.98 -1.27 -38.56
CA SER D 164 -6.63 -1.65 -38.10
C SER D 164 -6.66 -2.05 -36.64
N LEU D 165 -6.14 -3.23 -36.33
CA LEU D 165 -6.20 -3.75 -34.94
C LEU D 165 -5.01 -3.26 -34.11
N LEU D 166 -4.01 -2.66 -34.73
CA LEU D 166 -2.88 -2.11 -33.97
C LEU D 166 -3.37 -0.98 -33.07
N HIS D 167 -2.88 -0.93 -31.85
CA HIS D 167 -3.38 0.05 -30.87
C HIS D 167 -2.25 0.99 -30.44
N SER D 168 -2.60 2.07 -29.77
CA SER D 168 -1.62 3.03 -29.26
C SER D 168 -0.66 2.34 -28.29
N ASN D 169 -1.13 1.36 -27.55
CA ASN D 169 -0.29 0.63 -26.58
C ASN D 169 0.70 -0.29 -27.28
N GLY D 170 0.54 -0.53 -28.56
CA GLY D 170 1.49 -1.36 -29.32
C GLY D 170 1.01 -2.76 -29.59
N ASN D 171 -0.14 -3.13 -29.03
CA ASN D 171 -0.66 -4.50 -29.20
C ASN D 171 -1.59 -4.59 -30.40
N THR D 172 -1.46 -5.67 -31.15
CA THR D 172 -2.40 -5.95 -32.25
C THR D 172 -3.33 -7.03 -31.74
N TYR D 173 -4.61 -6.72 -31.65
CA TYR D 173 -5.57 -7.62 -30.97
C TYR D 173 -6.18 -8.62 -31.93
N LEU D 174 -5.35 -9.51 -32.43
CA LEU D 174 -5.85 -10.59 -33.30
C LEU D 174 -5.53 -11.94 -32.65
N TYR D 175 -6.55 -12.79 -32.52
CA TYR D 175 -6.36 -14.12 -31.94
C TYR D 175 -6.64 -15.17 -33.00
N TRP D 176 -5.92 -16.27 -32.94
CA TRP D 176 -6.09 -17.38 -33.90
C TRP D 176 -6.61 -18.61 -33.19
N PHE D 177 -7.70 -19.15 -33.66
CA PHE D 177 -8.31 -20.36 -33.08
C PHE D 177 -8.31 -21.50 -34.07
N LEU D 178 -8.08 -22.70 -33.57
CA LEU D 178 -8.16 -23.91 -34.39
C LEU D 178 -9.27 -24.78 -33.82
N GLN D 179 -10.22 -25.14 -34.67
CA GLN D 179 -11.29 -26.07 -34.26
C GLN D 179 -11.14 -27.34 -35.10
N ARG D 180 -10.72 -28.41 -34.46
CA ARG D 180 -10.55 -29.70 -35.17
C ARG D 180 -11.95 -30.25 -35.42
N PRO D 181 -12.11 -31.20 -36.37
CA PRO D 181 -13.41 -31.79 -36.59
C PRO D 181 -13.98 -32.42 -35.32
N GLY D 182 -15.21 -32.07 -34.99
CA GLY D 182 -15.87 -32.62 -33.80
C GLY D 182 -15.22 -32.25 -32.49
N GLN D 183 -14.70 -31.03 -32.39
CA GLN D 183 -14.07 -30.57 -31.13
C GLN D 183 -14.32 -29.08 -30.94
N SER D 184 -14.02 -28.58 -29.74
CA SER D 184 -14.16 -27.14 -29.47
C SER D 184 -12.93 -26.41 -29.98
N PRO D 185 -13.02 -25.11 -30.31
CA PRO D 185 -11.86 -24.39 -30.73
C PRO D 185 -10.77 -24.29 -29.66
N GLN D 186 -9.52 -24.24 -30.08
CA GLN D 186 -8.41 -24.03 -29.15
C GLN D 186 -7.63 -22.80 -29.60
N LEU D 187 -7.26 -21.96 -28.65
CA LEU D 187 -6.43 -20.79 -28.98
C LEU D 187 -5.05 -21.25 -29.39
N LEU D 188 -4.53 -20.70 -30.50
CA LEU D 188 -3.16 -21.02 -30.93
C LEU D 188 -2.30 -19.77 -30.76
N ILE D 189 -2.70 -18.66 -31.35
CA ILE D 189 -1.90 -17.41 -31.31
C ILE D 189 -2.79 -16.32 -30.74
N TYR D 190 -2.34 -15.69 -29.68
CA TYR D 190 -3.07 -14.55 -29.09
C TYR D 190 -2.26 -13.29 -29.30
N ARG D 191 -2.91 -12.22 -29.72
CA ARG D 191 -2.23 -10.94 -30.05
C ARG D 191 -1.33 -11.13 -31.24
N MET D 192 -1.65 -12.07 -32.13
CA MET D 192 -1.07 -12.24 -33.47
C MET D 192 0.41 -12.57 -33.51
N SER D 193 1.06 -12.68 -32.38
CA SER D 193 2.52 -12.87 -32.46
C SER D 193 2.95 -14.07 -31.63
N ASN D 194 2.42 -14.19 -30.41
CA ASN D 194 2.96 -15.21 -29.49
C ASN D 194 1.99 -16.35 -29.32
N LEU D 195 2.52 -17.57 -29.35
CA LEU D 195 1.66 -18.76 -29.32
C LEU D 195 1.23 -19.16 -27.93
N ALA D 196 0.04 -19.71 -27.84
CA ALA D 196 -0.54 -20.06 -26.53
C ALA D 196 0.15 -21.26 -25.93
N SER D 197 0.06 -21.38 -24.61
CA SER D 197 0.68 -22.51 -23.89
C SER D 197 0.05 -23.80 -24.38
N GLY D 198 0.88 -24.80 -24.66
CA GLY D 198 0.38 -26.10 -25.15
C GLY D 198 0.31 -26.18 -26.65
N VAL D 199 0.89 -25.23 -27.37
CA VAL D 199 0.78 -25.22 -28.85
C VAL D 199 2.16 -25.46 -29.42
N PRO D 200 2.33 -26.37 -30.41
CA PRO D 200 3.62 -26.55 -31.01
C PRO D 200 4.17 -25.30 -31.66
N GLU D 201 5.50 -25.18 -31.70
CA GLU D 201 6.15 -23.97 -32.24
C GLU D 201 5.93 -23.85 -33.75
N ARG D 202 5.43 -24.89 -34.39
CA ARG D 202 5.19 -24.84 -35.85
C ARG D 202 4.25 -23.68 -36.20
N PHE D 203 3.21 -23.47 -35.41
CA PHE D 203 2.33 -22.32 -35.66
C PHE D 203 3.05 -21.01 -35.40
N SER D 204 2.79 -20.02 -36.26
CA SER D 204 3.38 -18.68 -36.07
C SER D 204 2.38 -17.65 -36.58
N GLY D 205 2.49 -16.43 -36.07
CA GLY D 205 1.59 -15.36 -36.52
C GLY D 205 2.34 -14.13 -36.96
N SER D 206 1.76 -13.39 -37.89
CA SER D 206 2.37 -12.13 -38.38
C SER D 206 1.29 -11.22 -38.94
N GLY D 207 1.65 -9.96 -39.17
CA GLY D 207 0.67 -8.99 -39.69
C GLY D 207 1.06 -7.58 -39.34
N SER D 208 0.37 -6.60 -39.90
CA SER D 208 0.76 -5.18 -39.71
C SER D 208 -0.49 -4.31 -39.50
N GLY D 209 -1.44 -4.76 -38.68
CA GLY D 209 -2.65 -3.98 -38.44
C GLY D 209 -3.80 -4.54 -39.24
N THR D 210 -3.55 -4.93 -40.48
CA THR D 210 -4.56 -5.67 -41.28
C THR D 210 -3.76 -6.74 -42.03
N ALA D 211 -4.43 -7.61 -42.73
CA ALA D 211 -3.73 -8.64 -43.53
C ALA D 211 -2.83 -9.52 -42.69
N PHE D 212 -3.40 -10.27 -41.76
CA PHE D 212 -2.62 -11.14 -40.89
C PHE D 212 -2.43 -12.53 -41.47
N THR D 213 -1.39 -13.22 -41.00
CA THR D 213 -1.05 -14.53 -41.57
C THR D 213 -0.76 -15.53 -40.45
N LEU D 214 -1.28 -16.74 -40.58
CA LEU D 214 -0.96 -17.81 -39.61
C LEU D 214 -0.14 -18.85 -40.36
N THR D 215 1.14 -18.93 -40.05
CA THR D 215 2.04 -19.83 -40.79
C THR D 215 2.31 -21.12 -40.03
N ILE D 216 1.97 -22.24 -40.64
CA ILE D 216 2.28 -23.57 -40.04
C ILE D 216 3.44 -24.15 -40.83
N SER D 217 4.37 -24.81 -40.15
CA SER D 217 5.62 -25.23 -40.83
C SER D 217 5.58 -26.71 -41.21
N ARG D 218 5.34 -27.59 -40.25
CA ARG D 218 5.27 -29.05 -40.53
C ARG D 218 3.84 -29.45 -40.19
N LEU D 219 2.97 -29.41 -41.18
CA LEU D 219 1.54 -29.65 -40.89
C LEU D 219 1.34 -31.13 -40.64
N GLU D 220 1.14 -31.47 -39.37
CA GLU D 220 0.87 -32.87 -39.01
C GLU D 220 -0.59 -33.21 -39.27
N ALA D 221 -1.00 -34.42 -38.93
CA ALA D 221 -2.40 -34.84 -39.10
C ALA D 221 -3.32 -34.13 -38.10
N GLU D 222 -2.77 -33.65 -37.00
CA GLU D 222 -3.60 -33.01 -35.95
C GLU D 222 -3.77 -31.51 -36.23
N ASP D 223 -3.20 -30.99 -37.30
CA ASP D 223 -3.39 -29.57 -37.66
C ASP D 223 -4.60 -29.39 -38.56
N VAL D 224 -5.30 -30.48 -38.89
CA VAL D 224 -6.41 -30.39 -39.86
C VAL D 224 -7.65 -29.91 -39.15
N GLY D 225 -8.21 -28.80 -39.63
CA GLY D 225 -9.43 -28.26 -39.05
C GLY D 225 -9.72 -26.90 -39.61
N VAL D 226 -10.74 -26.26 -39.05
CA VAL D 226 -11.12 -24.89 -39.50
C VAL D 226 -10.43 -23.89 -38.59
N TYR D 227 -9.80 -22.90 -39.20
CA TYR D 227 -9.04 -21.87 -38.45
C TYR D 227 -9.84 -20.58 -38.46
N TYR D 228 -10.09 -20.04 -37.28
CA TYR D 228 -10.90 -18.81 -37.15
C TYR D 228 -10.08 -17.67 -36.59
N CYS D 229 -10.26 -16.50 -37.15
CA CYS D 229 -9.66 -15.29 -36.58
C CYS D 229 -10.64 -14.67 -35.61
N MET D 230 -10.15 -13.77 -34.76
CA MET D 230 -11.05 -12.97 -33.93
C MET D 230 -10.31 -11.71 -33.53
N GLN D 231 -11.00 -10.59 -33.53
CA GLN D 231 -10.43 -9.32 -33.06
C GLN D 231 -10.90 -9.07 -31.64
N HIS D 232 -9.99 -8.59 -30.80
CA HIS D 232 -10.36 -8.23 -29.42
C HIS D 232 -10.17 -6.74 -29.21
N LEU D 233 -10.07 -5.97 -30.28
CA LEU D 233 -9.85 -4.51 -30.14
C LEU D 233 -11.11 -3.82 -29.62
N GLU D 234 -12.25 -4.22 -30.16
CA GLU D 234 -13.51 -3.55 -29.81
C GLU D 234 -14.63 -4.56 -29.74
N TYR D 235 -15.55 -4.36 -28.82
CA TYR D 235 -16.77 -5.21 -28.79
C TYR D 235 -17.77 -4.67 -29.81
N PRO D 236 -18.55 -5.53 -30.49
CA PRO D 236 -18.50 -6.97 -30.35
C PRO D 236 -17.27 -7.63 -30.96
N LEU D 237 -16.86 -8.76 -30.41
CA LEU D 237 -15.67 -9.47 -30.92
C LEU D 237 -16.09 -10.30 -32.11
N THR D 238 -15.61 -9.92 -33.29
CA THR D 238 -16.03 -10.58 -34.53
C THR D 238 -15.05 -11.63 -34.94
N PHE D 239 -15.56 -12.76 -35.40
CA PHE D 239 -14.69 -13.84 -35.90
C PHE D 239 -14.68 -13.84 -37.41
N GLY D 240 -13.70 -14.50 -37.96
CA GLY D 240 -13.65 -14.68 -39.42
C GLY D 240 -14.54 -15.81 -39.87
N ALA D 241 -14.74 -15.93 -41.18
CA ALA D 241 -15.59 -16.99 -41.74
C ALA D 241 -14.98 -18.35 -41.45
N GLY D 242 -13.66 -18.41 -41.28
CA GLY D 242 -13.00 -19.68 -41.01
C GLY D 242 -12.35 -20.29 -42.22
N THR D 243 -11.08 -20.63 -42.09
CA THR D 243 -10.35 -21.29 -43.20
C THR D 243 -10.15 -22.75 -42.85
N LYS D 244 -10.53 -23.63 -43.77
CA LYS D 244 -10.44 -25.07 -43.52
C LYS D 244 -9.28 -25.70 -44.25
N LEU D 245 -8.62 -26.65 -43.59
CA LEU D 245 -7.56 -27.42 -44.25
C LEU D 245 -8.04 -28.87 -44.37
N GLU D 246 -8.02 -29.40 -45.59
CA GLU D 246 -8.45 -30.79 -45.82
C GLU D 246 -7.23 -31.67 -46.08
N LEU D 247 -7.27 -32.89 -45.56
CA LEU D 247 -6.12 -33.81 -45.74
C LEU D 247 -6.51 -34.90 -46.74
N ALA E 68 -25.38 57.78 17.27
CA ALA E 68 -25.59 57.38 18.68
C ALA E 68 -24.50 56.40 19.13
N GLY E 69 -24.76 55.69 20.23
CA GLY E 69 -23.83 54.63 20.68
C GLY E 69 -23.92 53.37 19.84
N TYR E 70 -25.01 53.21 19.08
CA TYR E 70 -25.20 51.98 18.26
C TYR E 70 -24.54 52.18 16.90
N THR E 71 -23.24 52.46 16.92
CA THR E 71 -22.50 52.66 15.66
C THR E 71 -21.38 51.64 15.53
N VAL E 72 -20.74 51.30 16.64
CA VAL E 72 -19.67 50.26 16.59
C VAL E 72 -20.29 48.91 16.19
N LEU E 73 -21.55 48.67 16.56
CA LEU E 73 -22.22 47.39 16.25
C LEU E 73 -22.35 47.22 14.73
N ARG E 74 -22.20 48.30 13.98
CA ARG E 74 -22.20 48.18 12.50
C ARG E 74 -20.79 47.93 12.00
N ILE E 75 -19.80 47.90 12.89
CA ILE E 75 -18.38 47.77 12.45
C ILE E 75 -17.79 46.43 12.84
N LEU E 76 -17.82 46.08 14.12
CA LEU E 76 -17.13 44.85 14.57
C LEU E 76 -17.65 43.59 13.88
N PRO E 77 -18.94 43.44 13.53
CA PRO E 77 -19.33 42.28 12.74
C PRO E 77 -18.58 42.24 11.41
N LEU E 78 -18.40 43.39 10.78
CA LEU E 78 -17.65 43.46 9.51
C LEU E 78 -16.19 43.09 9.76
N VAL E 79 -15.62 43.54 10.87
CA VAL E 79 -14.18 43.30 11.14
C VAL E 79 -13.95 41.82 11.41
N VAL E 80 -14.78 41.21 12.24
CA VAL E 80 -14.52 39.79 12.60
C VAL E 80 -14.77 38.86 11.40
N LEU E 81 -15.79 39.14 10.60
CA LEU E 81 -16.07 38.30 9.43
C LEU E 81 -14.93 38.38 8.41
N GLY E 82 -14.38 39.55 8.19
CA GLY E 82 -13.19 39.61 7.33
C GLY E 82 -12.05 38.85 7.94
N VAL E 83 -11.84 39.02 9.24
CA VAL E 83 -10.81 38.20 9.93
C VAL E 83 -11.23 36.73 9.83
N THR E 84 -12.51 36.45 10.02
CA THR E 84 -13.01 35.07 9.91
C THR E 84 -12.76 34.58 8.49
N PHE E 85 -13.02 35.41 7.49
CA PHE E 85 -12.85 34.95 6.10
C PHE E 85 -11.39 34.61 5.87
N VAL E 86 -10.48 35.49 6.23
CA VAL E 86 -9.05 35.22 5.90
C VAL E 86 -8.54 34.04 6.70
N LEU E 87 -8.77 34.03 8.00
CA LEU E 87 -8.20 32.95 8.84
C LEU E 87 -8.87 31.61 8.51
N GLY E 88 -10.17 31.61 8.32
CA GLY E 88 -10.85 30.36 7.95
C GLY E 88 -10.42 29.84 6.60
N VAL E 89 -10.28 30.71 5.62
CA VAL E 89 -9.79 30.25 4.30
C VAL E 89 -8.39 29.65 4.45
N LEU E 90 -7.51 30.32 5.17
CA LEU E 90 -6.13 29.79 5.26
C LEU E 90 -6.11 28.49 6.04
N GLY E 91 -6.74 28.45 7.22
CA GLY E 91 -6.67 27.23 8.03
C GLY E 91 -7.36 26.06 7.37
N ASN E 92 -8.54 26.29 6.83
CA ASN E 92 -9.30 25.21 6.18
C ASN E 92 -8.58 24.74 4.92
N GLY E 93 -7.97 25.63 4.17
CA GLY E 93 -7.18 25.19 3.01
C GLY E 93 -5.99 24.37 3.44
N LEU E 94 -5.30 24.78 4.49
CA LEU E 94 -4.13 24.03 4.96
C LEU E 94 -4.56 22.64 5.39
N VAL E 95 -5.65 22.52 6.13
CA VAL E 95 -6.12 21.20 6.59
C VAL E 95 -6.64 20.37 5.42
N ILE E 96 -7.36 20.98 4.50
CA ILE E 96 -7.85 20.22 3.31
C ILE E 96 -6.67 19.68 2.52
N TRP E 97 -5.65 20.49 2.30
CA TRP E 97 -4.49 20.02 1.53
C TRP E 97 -3.72 18.96 2.31
N VAL E 98 -3.39 19.25 3.57
CA VAL E 98 -2.53 18.30 4.32
C VAL E 98 -3.29 17.02 4.62
N ALA E 99 -4.49 17.12 5.15
CA ALA E 99 -5.27 15.93 5.52
C ALA E 99 -5.83 15.22 4.30
N GLY E 100 -6.22 15.94 3.28
CA GLY E 100 -6.87 15.32 2.13
C GLY E 100 -5.90 14.78 1.12
N PHE E 101 -4.69 15.30 1.12
CA PHE E 101 -3.74 14.88 0.07
C PHE E 101 -2.42 14.37 0.63
N ARG E 102 -1.93 14.95 1.71
CA ARG E 102 -0.60 14.60 2.24
C ARG E 102 -0.69 13.73 3.50
N MET E 103 -1.83 13.09 3.74
CA MET E 103 -1.91 12.17 4.90
C MET E 103 -2.67 10.91 4.52
N THR E 104 -2.41 9.83 5.23
CA THR E 104 -3.17 8.58 5.01
C THR E 104 -4.64 8.78 5.38
N ARG E 105 -5.53 8.19 4.60
CA ARG E 105 -6.97 8.36 4.87
C ARG E 105 -7.34 7.53 6.09
N THR E 106 -7.78 8.21 7.14
CA THR E 106 -8.22 7.54 8.37
C THR E 106 -9.60 8.08 8.71
N VAL E 107 -10.26 7.45 9.65
CA VAL E 107 -11.60 7.91 10.08
C VAL E 107 -11.52 9.32 10.64
N THR E 108 -10.50 9.62 11.42
CA THR E 108 -10.32 10.98 11.95
C THR E 108 -10.02 11.94 10.81
N THR E 109 -9.16 11.55 9.89
CA THR E 109 -8.77 12.43 8.78
C THR E 109 -9.98 12.73 7.92
N ILE E 110 -10.83 11.76 7.67
CA ILE E 110 -12.04 11.96 6.83
C ILE E 110 -12.99 12.92 7.55
N CYS E 111 -13.20 12.74 8.84
CA CYS E 111 -14.07 13.67 9.60
C CYS E 111 -13.49 15.08 9.59
N TYR E 112 -12.21 15.23 9.80
CA TYR E 112 -11.57 16.56 9.78
C TYR E 112 -11.66 17.18 8.40
N LEU E 113 -11.46 16.40 7.36
CA LEU E 113 -11.55 16.93 5.97
C LEU E 113 -12.97 17.35 5.66
N ASN E 114 -13.95 16.58 6.06
CA ASN E 114 -15.36 16.94 5.83
C ASN E 114 -15.73 18.19 6.60
N LEU E 115 -15.30 18.29 7.85
CA LEU E 115 -15.57 19.51 8.64
C LEU E 115 -14.87 20.68 8.00
N ALA E 116 -13.65 20.47 7.53
CA ALA E 116 -12.90 21.55 6.85
C ALA E 116 -13.59 21.99 5.56
N LEU E 117 -14.12 21.05 4.80
CA LEU E 117 -14.83 21.40 3.56
C LEU E 117 -16.03 22.28 3.86
N ALA E 118 -16.77 22.00 4.93
CA ALA E 118 -17.95 22.80 5.25
C ALA E 118 -17.56 24.22 5.58
N ASP E 119 -16.57 24.40 6.43
CA ASP E 119 -16.22 25.76 6.89
C ASP E 119 -15.19 26.39 5.99
N PHE E 120 -14.71 25.69 4.98
CA PHE E 120 -13.89 26.37 3.95
C PHE E 120 -14.81 26.98 2.91
N SER E 121 -15.80 26.22 2.46
CA SER E 121 -16.78 26.76 1.50
C SER E 121 -17.62 27.86 2.13
N PHE E 122 -17.96 27.70 3.38
CA PHE E 122 -18.72 28.76 4.07
C PHE E 122 -17.85 30.04 4.17
N THR E 123 -16.60 29.91 4.53
CA THR E 123 -15.72 31.11 4.55
C THR E 123 -15.53 31.66 3.13
N ALA E 124 -15.46 30.80 2.12
CA ALA E 124 -15.34 31.26 0.73
C ALA E 124 -16.56 32.10 0.34
N THR E 125 -17.73 31.73 0.82
CA THR E 125 -18.97 32.47 0.50
C THR E 125 -19.21 33.57 1.53
N LEU E 126 -18.30 33.74 2.47
CA LEU E 126 -18.45 34.85 3.46
C LEU E 126 -18.40 36.25 2.87
N PRO E 127 -17.53 36.62 1.91
CA PRO E 127 -17.37 38.03 1.53
C PRO E 127 -18.61 38.63 0.87
N PHE E 128 -19.45 37.77 0.27
CA PHE E 128 -20.74 38.22 -0.29
C PHE E 128 -21.75 38.45 0.83
N LEU E 129 -21.42 38.09 2.07
CA LEU E 129 -22.31 38.39 3.22
C LEU E 129 -21.65 39.55 3.95
N ILE E 130 -20.37 39.80 3.67
CA ILE E 130 -19.64 40.93 4.32
C ILE E 130 -20.10 42.18 3.59
N VAL E 131 -20.06 42.14 2.27
CA VAL E 131 -20.48 43.33 1.49
C VAL E 131 -21.97 43.58 1.69
N SER E 132 -22.78 42.54 1.79
CA SER E 132 -24.22 42.74 2.06
C SER E 132 -24.43 43.43 3.40
N MET E 133 -23.73 42.98 4.43
CA MET E 133 -23.88 43.57 5.78
C MET E 133 -23.31 44.99 5.80
N ALA E 134 -22.27 45.24 5.04
CA ALA E 134 -21.66 46.59 4.97
C ALA E 134 -22.66 47.57 4.34
N MET E 135 -23.46 47.10 3.40
CA MET E 135 -24.44 47.96 2.69
C MET E 135 -25.84 47.80 3.28
N GLY E 136 -25.95 47.65 4.60
CA GLY E 136 -27.28 47.61 5.22
C GLY E 136 -28.15 46.46 4.80
N GLU E 137 -27.58 45.27 4.58
CA GLU E 137 -28.33 44.03 4.24
C GLU E 137 -28.89 44.09 2.83
N LYS E 138 -28.58 45.14 2.07
CA LYS E 138 -29.03 45.18 0.67
C LYS E 138 -28.26 44.15 -0.14
N TRP E 139 -28.94 43.47 -1.05
CA TRP E 139 -28.26 42.45 -1.86
C TRP E 139 -27.97 42.99 -3.25
N PRO E 140 -26.72 43.35 -3.58
CA PRO E 140 -26.42 43.80 -4.92
C PRO E 140 -26.43 42.71 -5.99
N PHE E 141 -25.97 41.53 -5.62
CA PHE E 141 -25.75 40.46 -6.62
C PHE E 141 -27.06 39.95 -7.20
N GLY E 142 -26.93 39.06 -8.17
CA GLY E 142 -28.11 38.61 -8.90
C GLY E 142 -29.00 37.67 -8.12
N TRP E 143 -30.12 37.32 -8.71
CA TRP E 143 -31.04 36.37 -8.07
C TRP E 143 -30.39 35.00 -7.94
N PHE E 144 -29.48 34.65 -8.83
CA PHE E 144 -28.81 33.34 -8.73
C PHE E 144 -27.95 33.26 -7.47
N LEU E 145 -27.15 34.29 -7.24
CA LEU E 145 -26.23 34.25 -6.08
C LEU E 145 -26.99 34.27 -4.76
N CYS E 146 -28.03 35.08 -4.64
CA CYS E 146 -28.82 35.10 -3.40
C CYS E 146 -29.43 33.72 -3.17
N LYS E 147 -29.84 33.07 -4.24
CA LYS E 147 -30.34 31.69 -4.15
C LYS E 147 -29.19 30.71 -4.39
N LEU E 148 -27.95 31.15 -4.23
CA LEU E 148 -26.82 30.18 -4.24
C LEU E 148 -25.94 30.44 -3.02
N ILE E 149 -25.67 31.69 -2.66
CA ILE E 149 -24.75 32.00 -1.54
C ILE E 149 -25.48 31.77 -0.22
N HIS E 150 -26.80 31.81 -0.20
CA HIS E 150 -27.49 31.50 1.05
C HIS E 150 -27.79 30.02 1.11
N ILE E 151 -27.79 29.31 0.00
CA ILE E 151 -27.90 27.83 0.04
C ILE E 151 -26.60 27.26 0.59
N VAL E 152 -25.46 27.77 0.14
CA VAL E 152 -24.14 27.31 0.62
C VAL E 152 -23.96 27.61 2.10
N VAL E 153 -24.38 28.78 2.57
CA VAL E 153 -24.27 29.14 4.00
C VAL E 153 -25.14 28.21 4.84
N ASP E 154 -26.39 27.97 4.46
CA ASP E 154 -27.29 27.13 5.31
C ASP E 154 -26.80 25.66 5.28
N ILE E 155 -26.34 25.17 4.12
CA ILE E 155 -25.90 23.75 4.01
C ILE E 155 -24.58 23.63 4.76
N ASN E 156 -23.67 24.57 4.56
CA ASN E 156 -22.33 24.49 5.19
C ASN E 156 -22.38 24.79 6.69
N LEU E 157 -23.27 25.64 7.16
CA LEU E 157 -23.31 26.01 8.59
C LEU E 157 -24.00 24.92 9.37
N PHE E 158 -24.99 24.25 8.80
CA PHE E 158 -25.72 23.16 9.49
C PHE E 158 -24.87 21.93 9.33
N GLY E 159 -23.87 21.96 8.48
CA GLY E 159 -23.07 20.76 8.19
C GLY E 159 -21.88 20.85 9.07
N SER E 160 -21.43 22.04 9.37
CA SER E 160 -20.38 22.25 10.38
C SER E 160 -20.84 21.77 11.75
N VAL E 161 -22.02 22.13 12.19
CA VAL E 161 -22.57 21.69 13.50
C VAL E 161 -22.82 20.19 13.58
N PHE E 162 -23.09 19.51 12.48
CA PHE E 162 -23.44 18.08 12.50
C PHE E 162 -22.16 17.29 12.33
N LEU E 163 -21.15 17.86 11.72
CA LEU E 163 -19.81 17.22 11.67
C LEU E 163 -19.09 17.37 13.00
N ILE E 164 -19.27 18.48 13.68
CA ILE E 164 -18.69 18.63 15.03
C ILE E 164 -19.35 17.62 15.95
N GLY E 165 -20.65 17.44 15.85
CA GLY E 165 -21.32 16.39 16.63
C GLY E 165 -20.84 15.01 16.27
N PHE E 166 -20.64 14.74 15.01
CA PHE E 166 -20.13 13.43 14.54
C PHE E 166 -18.72 13.20 15.04
N ILE E 167 -17.86 14.20 14.98
CA ILE E 167 -16.48 14.07 15.53
C ILE E 167 -16.56 13.81 17.02
N ALA E 168 -17.44 14.47 17.73
CA ALA E 168 -17.61 14.19 19.17
C ALA E 168 -18.04 12.76 19.39
N LEU E 169 -18.99 12.27 18.61
CA LEU E 169 -19.51 10.90 18.79
C LEU E 169 -18.41 9.91 18.48
N ASP E 170 -17.65 10.12 17.43
CA ASP E 170 -16.54 9.22 17.07
C ASP E 170 -15.46 9.24 18.14
N ARG E 171 -15.10 10.40 18.65
CA ARG E 171 -14.07 10.51 19.70
C ARG E 171 -14.57 9.81 20.96
N CYS E 172 -15.85 9.90 21.25
CA CYS E 172 -16.43 9.24 22.43
C CYS E 172 -16.46 7.74 22.26
N ILE E 173 -16.81 7.25 21.09
CA ILE E 173 -16.87 5.78 20.84
C ILE E 173 -15.46 5.20 20.85
N CYS E 174 -14.48 5.93 20.38
CA CYS E 174 -13.08 5.46 20.37
C CYS E 174 -12.49 5.37 21.77
N VAL E 175 -13.11 6.01 22.76
CA VAL E 175 -12.59 6.01 24.15
C VAL E 175 -13.47 5.16 25.06
N LEU E 176 -14.78 5.20 24.91
CA LEU E 176 -15.69 4.45 25.79
C LEU E 176 -15.80 3.00 25.38
N HIS E 177 -15.79 2.72 24.08
CA HIS E 177 -15.81 1.32 23.59
C HIS E 177 -14.64 1.14 22.63
N PRO E 178 -13.38 1.10 23.11
CA PRO E 178 -12.24 0.99 22.22
C PRO E 178 -12.20 -0.33 21.46
N VAL E 179 -12.70 -1.39 22.07
CA VAL E 179 -12.78 -2.70 21.39
C VAL E 179 -13.78 -2.66 20.25
N TRP E 180 -14.95 -2.08 20.45
CA TRP E 180 -15.92 -1.94 19.33
C TRP E 180 -15.35 -1.02 18.27
N ALA E 181 -14.71 0.07 18.65
CA ALA E 181 -14.12 1.00 17.69
C ALA E 181 -12.90 0.41 17.00
N GLN E 182 -12.39 -0.71 17.48
CA GLN E 182 -11.25 -1.39 16.82
C GLN E 182 -11.75 -2.35 15.75
N ASN E 183 -12.89 -2.98 15.99
CA ASN E 183 -13.37 -4.05 15.08
C ASN E 183 -14.37 -3.53 14.06
N HIS E 184 -14.96 -2.36 14.26
CA HIS E 184 -16.05 -1.91 13.36
C HIS E 184 -15.87 -0.49 12.86
N ARG E 185 -14.75 0.15 13.17
CA ARG E 185 -14.55 1.55 12.74
C ARG E 185 -13.54 1.56 11.59
N THR E 186 -14.06 1.66 10.38
CA THR E 186 -13.20 1.58 9.17
C THR E 186 -13.35 2.85 8.37
N VAL E 187 -12.49 3.03 7.40
CA VAL E 187 -12.58 4.21 6.50
C VAL E 187 -13.83 4.10 5.63
N SER E 188 -14.14 2.92 5.14
CA SER E 188 -15.31 2.75 4.27
C SER E 188 -16.60 3.05 5.04
N LEU E 189 -16.69 2.58 6.26
CA LEU E 189 -17.89 2.87 7.08
C LEU E 189 -17.94 4.36 7.40
N ALA E 190 -16.80 4.98 7.64
CA ALA E 190 -16.78 6.43 7.93
C ALA E 190 -17.28 7.20 6.73
N MET E 191 -16.85 6.83 5.53
CA MET E 191 -17.32 7.51 4.31
C MET E 191 -18.83 7.30 4.14
N LYS E 192 -19.31 6.12 4.42
CA LYS E 192 -20.76 5.83 4.28
C LYS E 192 -21.56 6.67 5.26
N VAL E 193 -21.06 6.85 6.47
CA VAL E 193 -21.84 7.54 7.53
C VAL E 193 -21.58 9.04 7.51
N ILE E 194 -20.47 9.48 6.97
CA ILE E 194 -20.10 10.93 6.99
C ILE E 194 -21.03 11.74 6.10
N VAL E 195 -21.79 11.11 5.21
CA VAL E 195 -22.75 11.84 4.36
C VAL E 195 -24.11 11.99 5.03
N GLY E 196 -24.35 11.28 6.12
CA GLY E 196 -25.63 11.43 6.84
C GLY E 196 -25.79 12.83 7.36
N PRO E 197 -24.77 13.44 7.99
CA PRO E 197 -24.85 14.84 8.33
C PRO E 197 -25.03 15.72 7.09
N TRP E 198 -24.40 15.35 5.99
CA TRP E 198 -24.46 16.16 4.74
C TRP E 198 -25.85 16.11 4.12
N ILE E 199 -26.50 14.96 4.16
CA ILE E 199 -27.90 14.85 3.68
C ILE E 199 -28.83 15.63 4.61
N LEU E 200 -28.62 15.51 5.91
CA LEU E 200 -29.49 16.21 6.88
C LEU E 200 -29.31 17.71 6.69
N ALA E 201 -28.11 18.19 6.41
CA ALA E 201 -27.91 19.62 6.12
C ALA E 201 -28.64 19.99 4.84
N LEU E 202 -28.61 19.12 3.83
CA LEU E 202 -29.32 19.39 2.56
C LEU E 202 -30.83 19.46 2.77
N VAL E 203 -31.38 18.54 3.53
CA VAL E 203 -32.84 18.51 3.80
C VAL E 203 -33.25 19.75 4.58
N LEU E 204 -32.36 20.27 5.42
CA LEU E 204 -32.73 21.41 6.30
C LEU E 204 -32.59 22.74 5.56
N THR E 205 -32.12 22.73 4.33
CA THR E 205 -31.97 23.98 3.54
C THR E 205 -33.10 24.13 2.50
N LEU E 206 -34.02 23.17 2.42
CA LEU E 206 -35.15 23.27 1.45
C LEU E 206 -35.95 24.55 1.68
N PRO E 207 -36.21 25.07 2.91
CA PRO E 207 -36.88 26.34 3.03
C PRO E 207 -36.09 27.47 2.34
N VAL E 208 -34.78 27.34 2.20
CA VAL E 208 -34.01 28.37 1.44
C VAL E 208 -34.09 28.07 -0.05
N PHE E 209 -34.18 26.81 -0.43
CA PHE E 209 -34.34 26.48 -1.87
C PHE E 209 -35.66 27.03 -2.39
N LEU E 210 -36.74 26.91 -1.62
CA LEU E 210 -38.08 27.24 -2.13
C LEU E 210 -38.53 28.64 -1.74
N PHE E 211 -38.32 29.05 -0.51
CA PHE E 211 -38.96 30.30 -0.01
C PHE E 211 -38.06 31.52 -0.05
N LEU E 212 -36.78 31.35 -0.32
CA LEU E 212 -35.85 32.50 -0.25
C LEU E 212 -35.61 33.07 -1.64
N THR E 213 -35.66 34.39 -1.73
CA THR E 213 -35.44 35.08 -3.02
C THR E 213 -35.10 36.53 -2.77
N THR E 214 -34.76 37.24 -3.84
CA THR E 214 -34.50 38.69 -3.73
C THR E 214 -35.81 39.45 -3.93
N VAL E 215 -35.99 40.51 -3.14
CA VAL E 215 -37.25 41.30 -3.23
C VAL E 215 -36.88 42.75 -3.46
N THR E 216 -37.54 43.38 -4.44
CA THR E 216 -37.22 44.78 -4.78
C THR E 216 -38.12 45.76 -4.02
N ILE E 217 -37.52 46.80 -3.49
CA ILE E 217 -38.27 47.85 -2.75
C ILE E 217 -38.38 49.05 -3.70
N PRO E 218 -39.49 49.83 -3.68
CA PRO E 218 -39.65 50.93 -4.62
C PRO E 218 -38.52 51.97 -4.50
N ASN E 219 -37.87 52.03 -3.34
CA ASN E 219 -36.73 52.96 -3.16
C ASN E 219 -35.61 52.61 -4.13
N GLY E 220 -35.55 51.36 -4.58
CA GLY E 220 -34.47 50.94 -5.49
C GLY E 220 -33.53 49.93 -4.88
N ASP E 221 -33.86 49.43 -3.68
CA ASP E 221 -32.98 48.47 -2.99
C ASP E 221 -33.53 47.05 -3.10
N THR E 222 -32.64 46.10 -3.36
CA THR E 222 -33.05 44.68 -3.41
C THR E 222 -32.53 43.97 -2.17
N TYR E 223 -33.43 43.27 -1.48
CA TYR E 223 -33.05 42.56 -0.24
C TYR E 223 -33.29 41.06 -0.42
N CYS E 224 -32.35 40.24 0.04
CA CYS E 224 -32.55 38.78 0.03
C CYS E 224 -33.36 38.44 1.27
N THR E 225 -34.52 37.84 1.07
CA THR E 225 -35.41 37.57 2.21
C THR E 225 -36.36 36.43 1.86
N PHE E 226 -37.06 35.93 2.86
CA PHE E 226 -38.02 34.84 2.62
C PHE E 226 -39.34 35.47 2.17
N ASN E 227 -39.65 35.32 0.89
CA ASN E 227 -40.87 35.93 0.32
C ASN E 227 -41.88 34.82 0.07
N PHE E 228 -43.08 34.98 0.61
CA PHE E 228 -44.12 33.93 0.51
C PHE E 228 -45.29 34.42 -0.34
N ALA E 229 -45.04 35.38 -1.24
CA ALA E 229 -46.14 35.92 -2.07
C ALA E 229 -46.71 34.81 -2.96
N SER E 230 -45.86 34.01 -3.60
CA SER E 230 -46.35 32.97 -4.52
C SER E 230 -47.05 31.85 -3.76
N TRP E 231 -46.54 31.52 -2.59
CA TRP E 231 -47.10 30.38 -1.82
C TRP E 231 -48.48 30.69 -1.26
N GLY E 232 -48.70 31.92 -0.83
CA GLY E 232 -49.99 32.22 -0.18
C GLY E 232 -51.07 32.63 -1.17
N GLY E 233 -50.83 33.66 -1.98
CA GLY E 233 -51.84 34.13 -2.95
C GLY E 233 -52.94 34.98 -2.33
N THR E 234 -52.87 35.23 -1.02
CA THR E 234 -53.88 36.04 -0.30
C THR E 234 -53.14 36.72 0.83
N PRO E 235 -53.35 38.03 1.08
CA PRO E 235 -52.51 38.74 2.04
C PRO E 235 -52.48 38.10 3.43
N GLU E 236 -53.62 37.63 3.91
CA GLU E 236 -53.65 36.88 5.19
C GLU E 236 -53.03 35.51 5.00
N GLU E 237 -53.34 34.84 3.89
CA GLU E 237 -52.83 33.45 3.68
C GLU E 237 -51.31 33.46 3.50
N ARG E 238 -50.78 34.49 2.84
CA ARG E 238 -49.31 34.57 2.71
C ARG E 238 -48.71 34.73 4.11
N LEU E 239 -49.31 35.56 4.95
CA LEU E 239 -48.78 35.77 6.32
C LEU E 239 -48.86 34.46 7.11
N LYS E 240 -49.96 33.72 6.97
CA LYS E 240 -50.13 32.50 7.78
C LYS E 240 -49.08 31.46 7.41
N VAL E 241 -48.83 31.27 6.12
CA VAL E 241 -47.73 30.34 5.71
C VAL E 241 -46.37 30.92 6.09
N ALA E 242 -46.22 32.24 6.00
CA ALA E 242 -44.94 32.86 6.37
C ALA E 242 -44.63 32.64 7.84
N ILE E 243 -45.60 32.87 8.70
CA ILE E 243 -45.36 32.72 10.16
C ILE E 243 -45.07 31.24 10.45
N THR E 244 -45.84 30.34 9.85
CA THR E 244 -45.64 28.91 10.14
C THR E 244 -44.27 28.43 9.66
N MET E 245 -43.92 28.75 8.42
CA MET E 245 -42.64 28.26 7.87
C MET E 245 -41.45 28.93 8.55
N LEU E 246 -41.57 30.21 8.86
CA LEU E 246 -40.46 30.88 9.61
C LEU E 246 -40.32 30.28 11.01
N THR E 247 -41.42 29.99 11.68
CA THR E 247 -41.34 29.33 13.00
C THR E 247 -40.71 27.95 12.86
N ALA E 248 -40.92 27.27 11.74
CA ALA E 248 -40.21 26.00 11.48
C ALA E 248 -38.67 26.06 11.41
N ARG E 249 -38.13 26.90 10.52
CA ARG E 249 -36.66 26.97 10.33
C ARG E 249 -36.04 27.79 11.47
N GLY E 250 -36.84 28.22 12.44
CA GLY E 250 -36.32 28.94 13.60
C GLY E 250 -36.15 27.84 14.62
N ILE E 251 -37.21 27.07 14.86
CA ILE E 251 -37.20 26.01 15.88
C ILE E 251 -36.29 24.87 15.45
N ILE E 252 -36.26 24.51 14.17
CA ILE E 252 -35.30 23.48 13.71
C ILE E 252 -33.92 24.06 13.93
N ARG E 253 -33.74 25.36 13.69
CA ARG E 253 -32.41 26.01 13.87
C ARG E 253 -31.91 25.80 15.30
N PHE E 254 -32.77 25.94 16.33
CA PHE E 254 -32.31 25.65 17.71
C PHE E 254 -32.21 24.17 18.05
N VAL E 255 -33.24 23.37 17.78
CA VAL E 255 -33.26 21.94 18.14
C VAL E 255 -32.30 21.16 17.25
N ILE E 256 -32.29 21.37 15.94
CA ILE E 256 -31.26 20.71 15.10
C ILE E 256 -29.90 21.42 15.06
N GLY E 257 -29.87 22.73 14.92
CA GLY E 257 -28.60 23.46 14.99
C GLY E 257 -27.82 23.56 16.28
N PHE E 258 -28.46 23.64 17.43
CA PHE E 258 -27.70 23.86 18.67
C PHE E 258 -28.02 22.81 19.73
N SER E 259 -29.27 22.48 19.92
CA SER E 259 -29.56 21.58 21.06
C SER E 259 -29.18 20.15 20.72
N LEU E 260 -29.21 19.72 19.46
CA LEU E 260 -28.67 18.39 19.14
C LEU E 260 -27.14 18.36 19.10
N PRO E 261 -26.42 19.27 18.41
CA PRO E 261 -24.97 19.21 18.45
C PRO E 261 -24.32 19.59 19.78
N MET E 262 -24.86 20.60 20.45
CA MET E 262 -24.24 21.06 21.72
C MET E 262 -24.44 20.03 22.82
N SER E 263 -25.60 19.41 22.88
CA SER E 263 -25.83 18.35 23.88
C SER E 263 -24.92 17.16 23.57
N ILE E 264 -24.80 16.79 22.31
CA ILE E 264 -23.95 15.65 21.94
C ILE E 264 -22.50 15.98 22.26
N VAL E 265 -22.06 17.18 21.98
CA VAL E 265 -20.66 17.57 22.26
C VAL E 265 -20.42 17.58 23.76
N ALA E 266 -21.33 18.14 24.53
CA ALA E 266 -21.14 18.22 25.99
C ALA E 266 -21.14 16.83 26.59
N ILE E 267 -22.06 15.97 26.17
CA ILE E 267 -22.13 14.61 26.73
C ILE E 267 -20.91 13.81 26.29
N CYS E 268 -20.56 13.85 25.02
CA CYS E 268 -19.47 13.00 24.50
C CYS E 268 -18.12 13.43 25.04
N TYR E 269 -17.84 14.71 25.08
CA TYR E 269 -16.56 15.20 25.64
C TYR E 269 -16.58 15.11 27.16
N GLY E 270 -17.73 15.24 27.79
CA GLY E 270 -17.83 15.03 29.25
C GLY E 270 -17.58 13.60 29.58
N LEU E 271 -18.05 12.68 28.76
CA LEU E 271 -17.84 11.22 28.97
C LEU E 271 -16.37 10.81 28.80
N ILE E 272 -15.67 11.43 27.88
CA ILE E 272 -14.24 11.09 27.65
C ILE E 272 -13.35 11.91 28.56
N ALA E 273 -13.92 12.80 29.39
CA ALA E 273 -13.12 13.48 30.44
C ALA E 273 -13.27 12.70 31.74
N ALA E 274 -14.43 12.12 31.99
CA ALA E 274 -14.63 11.23 33.15
C ALA E 274 -13.90 9.90 32.95
N LYS E 275 -13.92 9.37 31.73
CA LYS E 275 -13.26 8.08 31.46
C LYS E 275 -11.75 8.19 31.65
N ILE E 276 -11.13 9.22 31.11
CA ILE E 276 -9.65 9.32 31.21
C ILE E 276 -9.28 9.68 32.64
N HIS E 277 -10.18 10.33 33.38
CA HIS E 277 -9.92 10.63 34.81
C HIS E 277 -10.09 9.41 35.69
N LYS E 278 -11.14 8.65 35.46
CA LYS E 278 -11.41 7.42 36.24
C LYS E 278 -10.28 6.45 35.98
N LYS E 279 -9.71 6.45 34.79
CA LYS E 279 -8.64 5.50 34.43
C LYS E 279 -7.26 6.12 34.56
N GLY E 280 -7.17 7.36 35.02
CA GLY E 280 -5.87 8.01 35.24
C GLY E 280 -5.00 8.15 34.01
N MET E 281 -5.50 8.78 32.97
CA MET E 281 -4.69 9.01 31.75
C MET E 281 -4.31 10.49 31.59
N ILE E 282 -4.54 11.30 32.63
CA ILE E 282 -4.13 12.72 32.55
C ILE E 282 -2.68 12.85 33.04
N LYS E 283 -1.75 12.99 32.10
CA LYS E 283 -0.34 13.21 32.49
C LYS E 283 0.06 14.66 32.20
N SER E 284 -0.88 15.50 31.80
CA SER E 284 -0.61 16.92 31.51
C SER E 284 -1.93 17.68 31.51
N SER E 285 -1.88 19.00 31.48
CA SER E 285 -3.12 19.81 31.43
C SER E 285 -3.63 19.95 29.99
N ARG E 286 -2.88 19.47 29.02
CA ARG E 286 -3.31 19.55 27.61
C ARG E 286 -4.63 18.80 27.36
N PRO E 287 -4.88 17.59 27.88
CA PRO E 287 -6.17 16.98 27.62
C PRO E 287 -7.36 17.81 28.08
N LEU E 288 -7.36 18.27 29.32
CA LEU E 288 -8.48 19.08 29.85
C LEU E 288 -8.56 20.39 29.06
N ARG E 289 -7.42 20.99 28.75
CA ARG E 289 -7.43 22.27 28.02
C ARG E 289 -8.06 22.10 26.63
N VAL E 290 -7.63 21.10 25.86
CA VAL E 290 -8.19 20.88 24.51
C VAL E 290 -9.67 20.52 24.61
N LEU E 291 -10.04 19.67 25.55
CA LEU E 291 -11.45 19.24 25.69
C LEU E 291 -12.34 20.42 26.09
N THR E 292 -11.93 21.21 27.06
CA THR E 292 -12.75 22.37 27.48
C THR E 292 -12.76 23.41 26.37
N ALA E 293 -11.69 23.54 25.60
CA ALA E 293 -11.70 24.47 24.47
C ALA E 293 -12.70 24.04 23.40
N VAL E 294 -12.73 22.78 23.04
CA VAL E 294 -13.64 22.31 21.97
C VAL E 294 -15.08 22.35 22.50
N VAL E 295 -15.26 22.29 23.80
CA VAL E 295 -16.64 22.34 24.35
C VAL E 295 -17.11 23.79 24.48
N ALA E 296 -16.30 24.65 25.07
CA ALA E 296 -16.70 26.04 25.31
C ALA E 296 -16.72 26.85 24.02
N SER E 297 -15.75 26.64 23.16
CA SER E 297 -15.65 27.44 21.91
C SER E 297 -16.90 27.23 21.08
N PHE E 298 -17.42 26.01 21.02
CA PHE E 298 -18.70 25.80 20.33
C PHE E 298 -19.82 26.52 21.04
N PHE E 299 -19.84 26.51 22.36
CA PHE E 299 -20.88 27.22 23.12
C PHE E 299 -20.72 28.73 23.04
N ILE E 300 -19.52 29.24 23.23
CA ILE E 300 -19.30 30.70 23.25
C ILE E 300 -19.64 31.25 21.87
N CYS E 301 -19.34 30.52 20.80
CA CYS E 301 -19.61 31.10 19.47
C CYS E 301 -21.05 30.83 19.08
N TRP E 302 -21.47 29.59 19.14
CA TRP E 302 -22.83 29.28 18.65
C TRP E 302 -23.97 29.76 19.53
N PHE E 303 -23.84 29.76 20.85
CA PHE E 303 -25.01 30.06 21.72
C PHE E 303 -25.53 31.48 21.60
N PRO E 304 -24.72 32.57 21.62
CA PRO E 304 -25.33 33.88 21.60
C PRO E 304 -26.21 33.97 20.36
N PHE E 305 -25.74 33.56 19.19
CA PHE E 305 -26.54 33.69 17.95
C PHE E 305 -27.83 32.88 18.04
N GLN E 306 -27.77 31.64 18.47
CA GLN E 306 -28.96 30.77 18.47
C GLN E 306 -29.96 31.29 19.49
N LEU E 307 -29.50 31.84 20.61
CA LEU E 307 -30.47 32.48 21.54
C LEU E 307 -31.11 33.71 20.89
N VAL E 308 -30.33 34.57 20.23
CA VAL E 308 -30.92 35.81 19.64
C VAL E 308 -31.93 35.38 18.59
N ALA E 309 -31.59 34.37 17.80
CA ALA E 309 -32.49 33.84 16.76
C ALA E 309 -33.72 33.14 17.36
N LEU E 310 -33.58 32.46 18.49
CA LEU E 310 -34.73 31.70 19.04
C LEU E 310 -35.67 32.74 19.63
N LEU E 311 -35.10 33.76 20.26
CA LEU E 311 -35.95 34.85 20.76
C LEU E 311 -36.71 35.47 19.58
N GLY E 312 -36.05 35.69 18.47
CA GLY E 312 -36.70 36.29 17.29
C GLY E 312 -37.72 35.38 16.67
N THR E 313 -37.75 34.11 17.03
CA THR E 313 -38.68 33.15 16.39
C THR E 313 -39.82 32.91 17.34
N VAL E 314 -39.53 32.98 18.64
CA VAL E 314 -40.62 32.87 19.65
C VAL E 314 -41.47 34.13 19.59
N TRP E 315 -40.85 35.28 19.37
CA TRP E 315 -41.56 36.57 19.27
C TRP E 315 -41.64 36.98 17.81
N LEU E 316 -41.82 36.03 16.90
CA LEU E 316 -41.74 36.34 15.45
C LEU E 316 -42.80 37.37 15.05
N LYS E 317 -44.04 37.21 15.52
CA LYS E 317 -45.12 38.13 15.08
C LYS E 317 -44.90 39.53 15.64
N GLU E 318 -44.40 39.64 16.86
CA GLU E 318 -44.22 40.96 17.48
C GLU E 318 -43.18 41.79 16.72
N MET E 319 -42.14 41.13 16.24
CA MET E 319 -41.10 41.86 15.48
C MET E 319 -41.72 42.41 14.20
N LEU E 320 -42.62 41.66 13.57
CA LEU E 320 -43.12 42.11 12.24
C LEU E 320 -44.24 43.14 12.39
N PHE E 321 -45.32 42.78 13.07
CA PHE E 321 -46.50 43.67 13.11
C PHE E 321 -46.24 44.91 13.96
N TYR E 322 -45.57 44.76 15.09
CA TYR E 322 -45.43 45.91 16.00
C TYR E 322 -43.99 46.45 16.11
N GLY E 323 -43.00 45.65 15.73
CA GLY E 323 -41.60 46.07 15.87
C GLY E 323 -41.23 46.37 17.30
N LYS E 324 -41.75 45.59 18.25
CA LYS E 324 -41.52 45.90 19.68
C LYS E 324 -40.05 45.76 20.03
N TYR E 325 -39.39 44.71 19.50
CA TYR E 325 -38.01 44.43 19.94
C TYR E 325 -37.08 44.68 18.77
N LYS E 326 -36.55 45.91 18.68
CA LYS E 326 -35.56 46.19 17.62
C LYS E 326 -34.16 45.88 18.13
N ILE E 327 -34.00 45.61 19.41
CA ILE E 327 -32.65 45.22 19.93
C ILE E 327 -32.24 43.88 19.33
N ILE E 328 -33.19 42.97 19.18
CA ILE E 328 -32.86 41.63 18.64
C ILE E 328 -32.36 41.80 17.19
N ASP E 329 -33.04 42.61 16.40
CA ASP E 329 -32.67 42.71 14.97
C ASP E 329 -31.26 43.29 14.82
N ILE E 330 -30.92 44.25 15.68
CA ILE E 330 -29.57 44.86 15.61
C ILE E 330 -28.54 43.95 16.28
N LEU E 331 -28.98 42.97 17.07
CA LEU E 331 -28.02 42.00 17.66
C LEU E 331 -27.79 40.82 16.70
N VAL E 332 -28.62 40.66 15.67
CA VAL E 332 -28.51 39.52 14.72
C VAL E 332 -27.18 39.59 13.98
N ASN E 333 -26.65 40.79 13.76
CA ASN E 333 -25.42 40.88 12.94
C ASN E 333 -24.15 40.58 13.77
N PRO E 334 -23.92 41.09 15.01
CA PRO E 334 -22.73 40.72 15.78
C PRO E 334 -22.74 39.25 16.23
N THR E 335 -23.88 38.77 16.71
CA THR E 335 -23.98 37.39 17.18
C THR E 335 -23.73 36.40 16.04
N SER E 336 -24.28 36.70 14.87
CA SER E 336 -24.06 35.82 13.71
C SER E 336 -22.59 35.81 13.34
N SER E 337 -21.94 36.95 13.42
CA SER E 337 -20.49 37.02 13.12
C SER E 337 -19.70 36.19 14.13
N LEU E 338 -20.07 36.23 15.39
CA LEU E 338 -19.40 35.39 16.40
C LEU E 338 -19.61 33.91 16.07
N ALA E 339 -20.76 33.56 15.53
CA ALA E 339 -21.07 32.16 15.22
C ALA E 339 -20.45 31.76 13.90
N PHE E 340 -19.89 32.70 13.16
CA PHE E 340 -19.18 32.31 11.93
C PHE E 340 -17.72 32.17 12.30
N PHE E 341 -17.30 32.79 13.38
CA PHE E 341 -15.89 32.74 13.82
C PHE E 341 -15.63 31.34 14.35
N ASN E 342 -16.67 30.59 14.66
CA ASN E 342 -16.42 29.18 15.03
C ASN E 342 -15.82 28.44 13.84
N SER E 343 -16.28 28.74 12.64
CA SER E 343 -15.71 28.15 11.41
C SER E 343 -14.24 28.53 11.33
N CYS E 344 -13.87 29.71 11.80
CA CYS E 344 -12.44 30.08 11.88
C CYS E 344 -11.74 29.21 12.93
N LEU E 345 -12.36 28.95 14.06
CA LEU E 345 -11.68 28.21 15.16
C LEU E 345 -11.66 26.70 14.91
N ASN E 346 -12.50 26.19 14.03
CA ASN E 346 -12.63 24.72 13.90
C ASN E 346 -11.33 24.06 13.46
N PRO E 347 -10.59 24.50 12.43
CA PRO E 347 -9.34 23.85 12.10
C PRO E 347 -8.30 23.93 13.23
N MET E 348 -8.25 25.07 13.90
CA MET E 348 -7.28 25.24 15.00
C MET E 348 -7.61 24.29 16.15
N LEU E 349 -8.88 24.11 16.46
CA LEU E 349 -9.25 23.32 17.65
C LEU E 349 -9.27 21.83 17.41
N TYR E 350 -9.52 21.39 16.19
CA TYR E 350 -9.75 19.94 15.93
C TYR E 350 -8.59 19.27 15.23
N VAL E 351 -7.92 19.96 14.31
CA VAL E 351 -6.87 19.28 13.51
C VAL E 351 -5.47 19.82 13.78
N PHE E 352 -5.35 21.08 14.13
CA PHE E 352 -4.02 21.68 14.35
C PHE E 352 -3.43 21.20 15.67
N VAL E 353 -4.28 20.84 16.62
CA VAL E 353 -3.80 20.37 17.95
C VAL E 353 -3.01 19.07 17.79
N GLY E 354 -3.42 18.21 16.88
CA GLY E 354 -2.72 16.93 16.67
C GLY E 354 -1.28 17.10 16.23
N GLN E 355 -0.36 16.42 16.90
CA GLN E 355 1.06 16.46 16.52
C GLN E 355 1.29 15.73 15.20
N ASP E 356 0.52 14.69 14.95
CA ASP E 356 0.66 13.94 13.68
C ASP E 356 0.36 14.86 12.49
N PHE E 357 -0.68 15.67 12.61
CA PHE E 357 -1.02 16.61 11.52
C PHE E 357 0.03 17.71 11.39
N ARG E 358 0.49 18.24 12.52
CA ARG E 358 1.51 19.30 12.48
C ARG E 358 2.80 18.75 11.86
N GLU E 359 3.14 17.51 12.18
CA GLU E 359 4.39 16.91 11.66
C GLU E 359 4.22 16.53 10.19
N ARG E 360 3.05 16.78 9.61
CA ARG E 360 2.91 16.62 8.13
C ARG E 360 2.88 17.98 7.46
N LEU E 361 2.42 19.03 8.15
CA LEU E 361 2.45 20.38 7.56
C LEU E 361 3.90 20.85 7.40
N ILE E 362 4.72 20.68 8.44
CA ILE E 362 6.12 21.18 8.37
C ILE E 362 7.01 20.21 7.60
N HIS E 363 6.64 18.93 7.55
CA HIS E 363 7.43 17.92 6.81
C HIS E 363 7.07 17.95 5.33
N SER E 364 6.00 18.63 4.97
CA SER E 364 5.62 18.76 3.55
C SER E 364 5.42 20.24 3.18
N LEU E 365 6.01 21.15 3.95
CA LEU E 365 5.90 22.61 3.65
C LEU E 365 6.78 22.97 2.45
C21 FUI F . -28.03 27.60 9.23
C01 FUI F . -31.43 35.52 11.90
C02 FUI F . -32.33 36.12 12.75
C03 FUI F . -33.35 36.91 12.26
C04 FUI F . -33.46 37.10 10.90
C05 FUI F . -32.57 36.50 10.04
C06 FUI F . -31.54 35.72 10.54
C08 FUI F . -30.75 33.83 9.32
C09 FUI F . -29.69 33.47 8.47
C10 FUI F . -28.90 34.63 8.37
C12 FUI F . -29.00 36.92 9.25
C13 FUI F . -27.63 34.80 7.56
C14 FUI F . -27.89 34.48 6.10
C15 FUI F . -26.51 33.92 8.09
C18 FUI F . -28.97 31.25 8.87
C20 FUI F . -28.17 28.91 9.59
C22 FUI F . -27.63 26.66 10.15
C23 FUI F . -27.37 27.03 11.44
C24 FUI F . -27.52 28.32 11.82
C25 FUI F . -27.92 29.25 10.90
N07 FUI F . -30.58 35.07 9.66
N11 FUI F . -29.49 35.57 9.11
N17 FUI F . -29.46 32.17 7.88
N19 FUI F . -28.63 29.86 8.59
O16 FUI F . -31.63 33.14 9.67
O27 FUI F . -28.85 31.70 9.95
CL26 FUI F . -26.86 25.83 12.64
#